data_2EIY
#
_entry.id   2EIY
#
_cell.length_a   143.652
_cell.length_b   143.652
_cell.length_c   116.540
_cell.angle_alpha   90.00
_cell.angle_beta   90.00
_cell.angle_gamma   90.00
#
_symmetry.space_group_name_H-M   'P 41 21 2'
#
loop_
_entity.id
_entity.type
_entity.pdbx_description
1 polymer 'Branched-chain amino acid aminotransferase'
2 non-polymer "PYRIDOXAL-5'-PHOSPHATE"
3 non-polymer '4-METHYL VALERIC ACID'
4 non-polymer (4S)-2-METHYL-2,4-PENTANEDIOL
5 water water
#
_entity_poly.entity_id   1
_entity_poly.type   'polypeptide(L)'
_entity_poly.pdbx_seq_one_letter_code
;MQIKAGLIWMNGAFVPQEEAKTSVLSHALHYGTSVFEGIRAYETAKGPAIFRLKEHVKRFYNSAKVLRMEIPFAPEELEE
AIKEVVRRNGYRSCYIRPLAWMGAKALGVNPLPNNPAEVMVAAWEWGAYLGEEAVRKGARLITSSWARFPANVMPGKAKV
GGNYVNSALAKMEAVAAGADEALLLDEEGYVAEGSGENLFFVRDGVIYALEHSVNLEGITRDSVIRIAKDLGYEVQVVRA
TRDQLYMADEVFMTGTAAEVTPVSMIDWRPIGKGTAGPVALRLREVYLEAVTGRRPEYEGWLTYVNGQ
;
_entity_poly.pdbx_strand_id   A,B,C
#
loop_
_chem_comp.id
_chem_comp.type
_chem_comp.name
_chem_comp.formula
4MV non-polymer '4-METHYL VALERIC ACID' 'C6 H12 O2'
MPD non-polymer (4S)-2-METHYL-2,4-PENTANEDIOL 'C6 H14 O2'
PLP non-polymer PYRIDOXAL-5'-PHOSPHATE 'C8 H10 N O6 P'
#
# COMPACT_ATOMS: atom_id res chain seq x y z
N GLN A 2 -33.71 -12.77 26.85
CA GLN A 2 -32.44 -13.54 26.65
C GLN A 2 -32.38 -14.20 25.28
N ILE A 3 -31.23 -14.79 24.98
CA ILE A 3 -31.03 -15.45 23.69
C ILE A 3 -31.70 -16.82 23.67
N LYS A 4 -32.46 -17.09 22.61
CA LYS A 4 -33.15 -18.36 22.47
C LYS A 4 -32.25 -19.32 21.68
N ALA A 5 -31.26 -19.87 22.36
CA ALA A 5 -30.31 -20.78 21.75
C ALA A 5 -30.74 -22.24 21.83
N GLY A 6 -31.38 -22.62 22.94
CA GLY A 6 -31.81 -23.99 23.11
C GLY A 6 -30.67 -24.92 23.46
N LEU A 7 -30.54 -26.02 22.73
CA LEU A 7 -29.49 -27.00 22.97
C LEU A 7 -28.15 -26.46 22.48
N ILE A 8 -27.17 -26.46 23.38
CA ILE A 8 -25.83 -25.97 23.08
C ILE A 8 -24.81 -27.09 23.23
N TRP A 9 -23.90 -27.19 22.28
CA TRP A 9 -22.85 -28.21 22.31
C TRP A 9 -21.78 -27.71 23.28
N MET A 10 -21.54 -28.45 24.34
CA MET A 10 -20.54 -28.09 25.36
C MET A 10 -19.46 -29.15 25.46
N ASN A 11 -18.27 -28.82 24.96
CA ASN A 11 -17.13 -29.73 24.99
C ASN A 11 -17.45 -31.20 24.72
N GLY A 12 -18.08 -31.48 23.59
CA GLY A 12 -18.38 -32.85 23.25
C GLY A 12 -19.81 -33.35 23.35
N ALA A 13 -20.68 -32.63 24.07
CA ALA A 13 -22.06 -33.07 24.21
C ALA A 13 -23.05 -31.91 24.34
N PHE A 14 -24.25 -32.12 23.81
CA PHE A 14 -25.29 -31.09 23.88
C PHE A 14 -25.95 -31.07 25.24
N VAL A 15 -26.24 -29.88 25.73
CA VAL A 15 -26.88 -29.68 27.01
C VAL A 15 -27.87 -28.51 26.89
N PRO A 16 -28.89 -28.48 27.76
CA PRO A 16 -29.86 -27.38 27.70
C PRO A 16 -29.13 -26.06 27.93
N GLN A 17 -29.64 -24.99 27.32
CA GLN A 17 -29.02 -23.67 27.44
C GLN A 17 -28.71 -23.32 28.90
N GLU A 18 -29.64 -23.65 29.79
CA GLU A 18 -29.49 -23.37 31.21
C GLU A 18 -28.25 -24.00 31.84
N GLU A 19 -27.80 -25.11 31.28
CA GLU A 19 -26.62 -25.82 31.80
C GLU A 19 -25.32 -25.40 31.12
N ALA A 20 -25.43 -24.57 30.09
CA ALA A 20 -24.25 -24.11 29.35
C ALA A 20 -23.62 -22.91 30.05
N LYS A 21 -22.92 -23.17 31.15
CA LYS A 21 -22.26 -22.12 31.90
C LYS A 21 -20.81 -22.47 32.20
N THR A 22 -20.03 -21.46 32.53
CA THR A 22 -18.61 -21.65 32.84
C THR A 22 -18.24 -20.81 34.05
N SER A 23 -17.18 -21.23 34.75
CA SER A 23 -16.73 -20.52 35.94
C SER A 23 -16.43 -19.05 35.71
N VAL A 24 -16.80 -18.21 36.68
CA VAL A 24 -16.53 -16.78 36.55
C VAL A 24 -15.04 -16.53 36.74
N LEU A 25 -14.28 -17.60 37.02
CA LEU A 25 -12.84 -17.49 37.18
C LEU A 25 -12.15 -17.90 35.89
N SER A 26 -12.92 -18.04 34.82
CA SER A 26 -12.37 -18.41 33.52
C SER A 26 -11.47 -17.29 33.00
N HIS A 27 -10.27 -17.67 32.58
CA HIS A 27 -9.28 -16.74 32.06
C HIS A 27 -9.87 -15.79 31.01
N ALA A 28 -10.67 -16.33 30.10
CA ALA A 28 -11.26 -15.51 29.05
C ALA A 28 -12.24 -14.44 29.54
N LEU A 29 -12.87 -14.65 30.69
CA LEU A 29 -13.82 -13.67 31.20
C LEU A 29 -13.07 -12.48 31.80
N HIS A 30 -11.81 -12.69 32.17
CA HIS A 30 -10.98 -11.66 32.76
C HIS A 30 -10.00 -11.00 31.79
N TYR A 31 -9.51 -11.77 30.83
CA TYR A 31 -8.48 -11.28 29.92
C TYR A 31 -8.76 -11.33 28.40
N GLY A 32 -10.01 -11.59 28.02
CA GLY A 32 -10.38 -11.62 26.61
C GLY A 32 -9.79 -12.72 25.75
N THR A 33 -9.27 -13.75 26.41
CA THR A 33 -8.63 -14.87 25.74
C THR A 33 -9.58 -15.95 25.21
N SER A 34 -10.38 -15.56 24.23
CA SER A 34 -11.32 -16.48 23.58
C SER A 34 -11.25 -16.22 22.08
N VAL A 35 -11.77 -17.15 21.29
CA VAL A 35 -11.83 -16.99 19.85
C VAL A 35 -13.22 -17.47 19.44
N PHE A 36 -13.77 -16.87 18.40
CA PHE A 36 -15.10 -17.27 17.96
C PHE A 36 -15.26 -17.14 16.47
N GLU A 37 -16.42 -17.58 15.99
CA GLU A 37 -16.75 -17.47 14.58
C GLU A 37 -18.20 -17.07 14.45
N GLY A 38 -18.54 -16.61 13.25
CA GLY A 38 -19.90 -16.22 12.95
C GLY A 38 -20.21 -16.98 11.68
N ILE A 39 -21.16 -17.91 11.76
CA ILE A 39 -21.51 -18.73 10.61
C ILE A 39 -23.02 -18.71 10.43
N ARG A 40 -23.47 -18.75 9.19
CA ARG A 40 -24.90 -18.74 8.96
C ARG A 40 -25.39 -19.92 8.16
N ALA A 41 -26.63 -20.30 8.45
CA ALA A 41 -27.31 -21.36 7.74
C ALA A 41 -28.51 -20.67 7.13
N TYR A 42 -28.81 -21.01 5.89
CA TYR A 42 -29.95 -20.43 5.20
C TYR A 42 -30.84 -21.56 4.72
N GLU A 43 -32.14 -21.33 4.69
CA GLU A 43 -33.07 -22.35 4.23
C GLU A 43 -32.99 -22.40 2.71
N THR A 44 -33.02 -23.62 2.16
CA THR A 44 -32.98 -23.81 0.72
C THR A 44 -34.06 -24.82 0.37
N ALA A 45 -34.24 -25.07 -0.93
CA ALA A 45 -35.25 -26.04 -1.37
C ALA A 45 -34.89 -27.43 -0.87
N LYS A 46 -33.62 -27.62 -0.52
CA LYS A 46 -33.15 -28.92 -0.03
C LYS A 46 -32.80 -28.87 1.47
N GLY A 47 -33.47 -27.99 2.20
CA GLY A 47 -33.21 -27.88 3.62
C GLY A 47 -32.13 -26.86 3.97
N PRO A 48 -31.81 -26.70 5.26
CA PRO A 48 -30.80 -25.75 5.72
C PRO A 48 -29.42 -26.02 5.13
N ALA A 49 -28.74 -24.95 4.73
CA ALA A 49 -27.41 -25.04 4.16
C ALA A 49 -26.50 -24.05 4.88
N ILE A 50 -25.38 -24.55 5.39
CA ILE A 50 -24.41 -23.70 6.09
C ILE A 50 -23.47 -23.12 5.05
N PHE A 51 -23.22 -21.82 5.13
CA PHE A 51 -22.36 -21.16 4.15
C PHE A 51 -20.87 -21.17 4.48
N ARG A 52 -20.10 -21.73 3.56
CA ARG A 52 -18.63 -21.84 3.65
C ARG A 52 -18.15 -22.28 5.03
N LEU A 53 -18.70 -23.40 5.47
CA LEU A 53 -18.39 -24.00 6.77
C LEU A 53 -16.91 -24.28 6.97
N LYS A 54 -16.27 -24.94 6.01
CA LYS A 54 -14.86 -25.27 6.14
C LYS A 54 -13.96 -24.04 6.26
N GLU A 55 -14.28 -22.98 5.53
CA GLU A 55 -13.48 -21.76 5.61
C GLU A 55 -13.62 -21.14 7.00
N HIS A 56 -14.81 -21.18 7.56
CA HIS A 56 -15.04 -20.63 8.89
C HIS A 56 -14.34 -21.46 9.95
N VAL A 57 -14.40 -22.79 9.83
CA VAL A 57 -13.75 -23.65 10.81
C VAL A 57 -12.23 -23.48 10.72
N LYS A 58 -11.72 -23.34 9.49
CA LYS A 58 -10.28 -23.15 9.32
C LYS A 58 -9.84 -21.87 10.03
N ARG A 59 -10.62 -20.80 9.91
CA ARG A 59 -10.28 -19.55 10.54
C ARG A 59 -10.38 -19.65 12.06
N PHE A 60 -11.32 -20.47 12.54
CA PHE A 60 -11.51 -20.68 13.97
C PHE A 60 -10.21 -21.26 14.54
N TYR A 61 -9.67 -22.29 13.88
CA TYR A 61 -8.43 -22.90 14.36
C TYR A 61 -7.25 -21.95 14.15
N ASN A 62 -7.30 -21.13 13.10
CA ASN A 62 -6.24 -20.17 12.84
C ASN A 62 -6.22 -19.12 13.96
N SER A 63 -7.41 -18.68 14.37
CA SER A 63 -7.50 -17.70 15.45
C SER A 63 -6.92 -18.29 16.72
N ALA A 64 -7.22 -19.55 16.99
CA ALA A 64 -6.70 -20.21 18.18
C ALA A 64 -5.17 -20.24 18.15
N LYS A 65 -4.60 -20.51 16.98
CA LYS A 65 -3.14 -20.56 16.86
C LYS A 65 -2.50 -19.22 17.24
N VAL A 66 -3.17 -18.13 16.92
CA VAL A 66 -2.62 -16.81 17.25
C VAL A 66 -2.43 -16.68 18.75
N LEU A 67 -3.33 -17.26 19.53
CA LEU A 67 -3.25 -17.20 20.99
C LEU A 67 -2.52 -18.42 21.56
N ARG A 68 -2.00 -19.27 20.67
CA ARG A 68 -1.33 -20.50 21.08
C ARG A 68 -2.30 -21.32 21.94
N MET A 69 -3.57 -21.21 21.57
CA MET A 69 -4.65 -21.90 22.24
C MET A 69 -4.83 -23.27 21.59
N GLU A 70 -4.97 -24.29 22.43
CA GLU A 70 -5.15 -25.65 21.93
C GLU A 70 -6.63 -26.04 21.95
N ILE A 71 -7.18 -26.38 20.79
CA ILE A 71 -8.57 -26.80 20.68
C ILE A 71 -8.52 -28.33 20.73
N PRO A 72 -9.04 -28.93 21.82
CA PRO A 72 -9.04 -30.38 22.01
C PRO A 72 -10.02 -31.19 21.17
N PHE A 73 -10.29 -30.74 19.95
CA PHE A 73 -11.19 -31.44 19.04
C PHE A 73 -10.66 -31.29 17.62
N ALA A 74 -10.89 -32.31 16.80
CA ALA A 74 -10.46 -32.25 15.41
C ALA A 74 -11.45 -31.37 14.66
N PRO A 75 -10.99 -30.65 13.64
CA PRO A 75 -11.88 -29.78 12.86
C PRO A 75 -13.15 -30.50 12.41
N GLU A 76 -13.01 -31.76 12.05
CA GLU A 76 -14.15 -32.57 11.61
C GLU A 76 -15.18 -32.73 12.71
N GLU A 77 -14.73 -32.83 13.95
CA GLU A 77 -15.65 -32.97 15.09
C GLU A 77 -16.44 -31.68 15.27
N LEU A 78 -15.76 -30.55 15.13
CA LEU A 78 -16.42 -29.26 15.28
C LEU A 78 -17.43 -29.06 14.17
N GLU A 79 -17.07 -29.49 12.96
CA GLU A 79 -17.96 -29.37 11.81
C GLU A 79 -19.24 -30.16 12.04
N GLU A 80 -19.09 -31.36 12.63
CA GLU A 80 -20.24 -32.20 12.91
C GLU A 80 -21.10 -31.55 13.99
N ALA A 81 -20.45 -30.97 15.00
CA ALA A 81 -21.17 -30.30 16.08
C ALA A 81 -21.98 -29.11 15.53
N ILE A 82 -21.38 -28.39 14.59
CA ILE A 82 -22.05 -27.25 13.99
C ILE A 82 -23.28 -27.69 13.19
N LYS A 83 -23.16 -28.81 12.49
CA LYS A 83 -24.29 -29.33 11.72
C LYS A 83 -25.38 -29.78 12.69
N GLU A 84 -24.96 -30.42 13.77
CA GLU A 84 -25.90 -30.92 14.77
C GLU A 84 -26.61 -29.83 15.58
N VAL A 85 -25.95 -28.70 15.82
CA VAL A 85 -26.60 -27.64 16.57
C VAL A 85 -27.79 -27.11 15.77
N VAL A 86 -27.72 -27.25 14.45
CA VAL A 86 -28.80 -26.82 13.58
C VAL A 86 -29.91 -27.88 13.59
N ARG A 87 -29.52 -29.13 13.37
CA ARG A 87 -30.45 -30.25 13.35
C ARG A 87 -31.23 -30.42 14.65
N ARG A 88 -30.49 -30.60 15.74
CA ARG A 88 -31.08 -30.81 17.05
C ARG A 88 -32.04 -29.74 17.54
N ASN A 89 -31.88 -28.51 17.05
CA ASN A 89 -32.76 -27.43 17.46
C ASN A 89 -33.84 -27.13 16.43
N GLY A 90 -33.84 -27.88 15.33
CA GLY A 90 -34.83 -27.70 14.30
C GLY A 90 -34.77 -26.35 13.62
N TYR A 91 -33.57 -25.80 13.51
CA TYR A 91 -33.36 -24.50 12.88
C TYR A 91 -33.31 -24.63 11.36
N ARG A 92 -33.69 -23.55 10.68
CA ARG A 92 -33.68 -23.49 9.22
C ARG A 92 -32.73 -22.37 8.81
N SER A 93 -33.07 -21.15 9.20
CA SER A 93 -32.24 -19.98 8.93
C SER A 93 -31.75 -19.54 10.30
N CYS A 94 -30.45 -19.69 10.55
CA CYS A 94 -29.92 -19.34 11.86
C CYS A 94 -28.49 -18.83 11.83
N TYR A 95 -28.07 -18.27 12.97
CA TYR A 95 -26.72 -17.77 13.15
C TYR A 95 -26.07 -18.78 14.08
N ILE A 96 -24.85 -19.20 13.73
CA ILE A 96 -24.11 -20.18 14.52
C ILE A 96 -22.87 -19.53 15.11
N ARG A 97 -22.69 -19.69 16.42
CA ARG A 97 -21.58 -19.09 17.14
C ARG A 97 -20.67 -20.07 17.88
N PRO A 98 -19.59 -20.53 17.23
CA PRO A 98 -18.66 -21.45 17.90
C PRO A 98 -17.78 -20.56 18.77
N LEU A 99 -17.39 -21.04 19.94
CA LEU A 99 -16.54 -20.27 20.83
C LEU A 99 -15.56 -21.17 21.56
N ALA A 100 -14.30 -20.78 21.60
CA ALA A 100 -13.28 -21.53 22.32
C ALA A 100 -12.71 -20.52 23.31
N TRP A 101 -12.63 -20.89 24.58
CA TRP A 101 -12.12 -19.95 25.56
C TRP A 101 -11.20 -20.60 26.60
N MET A 102 -10.31 -19.80 27.16
CA MET A 102 -9.39 -20.30 28.18
C MET A 102 -10.16 -20.39 29.49
N GLY A 103 -10.07 -21.55 30.13
CA GLY A 103 -10.78 -21.82 31.37
C GLY A 103 -10.24 -21.27 32.67
N ALA A 104 -10.73 -21.83 33.78
CA ALA A 104 -10.36 -21.39 35.12
C ALA A 104 -9.25 -22.14 35.85
N LYS A 105 -8.29 -22.70 35.13
CA LYS A 105 -7.19 -23.41 35.79
C LYS A 105 -6.32 -22.45 36.60
N ALA A 106 -6.14 -21.24 36.08
CA ALA A 106 -5.33 -20.23 36.74
C ALA A 106 -5.66 -18.85 36.17
N LEU A 107 -5.24 -17.80 36.86
CA LEU A 107 -5.52 -16.45 36.40
C LEU A 107 -4.29 -15.58 36.18
N GLY A 108 -3.17 -16.20 35.86
CA GLY A 108 -1.97 -15.44 35.56
C GLY A 108 -2.28 -14.93 34.15
N VAL A 109 -1.69 -13.82 33.74
CA VAL A 109 -2.00 -13.29 32.40
C VAL A 109 -1.65 -14.27 31.29
N ASN A 110 -0.57 -15.04 31.48
CA ASN A 110 -0.15 -16.03 30.48
C ASN A 110 -1.23 -17.11 30.45
N PRO A 111 -1.86 -17.33 29.27
CA PRO A 111 -2.91 -18.34 29.16
C PRO A 111 -2.47 -19.79 28.92
N LEU A 112 -1.19 -19.99 28.61
CA LEU A 112 -0.70 -21.35 28.33
C LEU A 112 -1.02 -22.40 29.40
N PRO A 113 -0.87 -22.06 30.69
CA PRO A 113 -1.17 -23.03 31.74
C PRO A 113 -2.64 -23.47 31.74
N ASN A 114 -3.48 -22.71 31.06
CA ASN A 114 -4.91 -23.00 31.00
C ASN A 114 -5.34 -23.94 29.89
N ASN A 115 -4.44 -24.27 28.98
CA ASN A 115 -4.77 -25.17 27.88
C ASN A 115 -5.10 -26.57 28.40
N PRO A 116 -5.96 -27.31 27.69
CA PRO A 116 -6.61 -26.93 26.44
C PRO A 116 -7.82 -26.05 26.69
N ALA A 117 -8.26 -25.35 25.64
CA ALA A 117 -9.41 -24.47 25.75
C ALA A 117 -10.72 -25.24 25.87
N GLU A 118 -11.73 -24.56 26.40
CA GLU A 118 -13.06 -25.11 26.52
C GLU A 118 -13.69 -24.71 25.19
N VAL A 119 -14.66 -25.49 24.70
CA VAL A 119 -15.28 -25.18 23.43
C VAL A 119 -16.79 -25.40 23.49
N MET A 120 -17.53 -24.54 22.81
CA MET A 120 -18.99 -24.67 22.75
C MET A 120 -19.49 -24.15 21.41
N VAL A 121 -20.64 -24.63 20.98
CA VAL A 121 -21.25 -24.18 19.74
C VAL A 121 -22.72 -23.94 20.03
N ALA A 122 -23.16 -22.71 19.81
CA ALA A 122 -24.56 -22.34 20.02
C ALA A 122 -25.11 -21.73 18.75
N ALA A 123 -26.43 -21.75 18.62
CA ALA A 123 -27.07 -21.18 17.44
C ALA A 123 -28.46 -20.68 17.82
N TRP A 124 -28.97 -19.74 17.03
CA TRP A 124 -30.30 -19.21 17.25
C TRP A 124 -30.89 -18.79 15.91
N GLU A 125 -32.21 -18.91 15.79
CA GLU A 125 -32.89 -18.56 14.55
C GLU A 125 -32.66 -17.10 14.19
N TRP A 126 -32.50 -16.84 12.90
CA TRP A 126 -32.27 -15.48 12.42
C TRP A 126 -33.59 -14.74 12.17
N VAL A 135 -33.23 -2.12 2.43
CA VAL A 135 -31.86 -2.25 1.86
C VAL A 135 -31.51 -1.07 0.97
N ARG A 136 -32.48 -0.65 0.15
CA ARG A 136 -32.30 0.47 -0.76
C ARG A 136 -31.97 1.77 -0.03
N LYS A 137 -32.54 1.94 1.16
CA LYS A 137 -32.29 3.15 1.95
C LYS A 137 -30.80 3.25 2.24
N GLY A 138 -30.19 2.13 2.60
CA GLY A 138 -28.77 2.10 2.89
C GLY A 138 -28.45 2.44 4.32
N ALA A 139 -27.28 1.99 4.78
CA ALA A 139 -26.83 2.26 6.14
C ALA A 139 -26.11 3.59 6.21
N ARG A 140 -26.19 4.24 7.36
CA ARG A 140 -25.50 5.51 7.57
C ARG A 140 -24.34 5.23 8.51
N LEU A 141 -23.14 5.66 8.11
CA LEU A 141 -21.96 5.45 8.94
C LEU A 141 -21.39 6.77 9.42
N ILE A 142 -20.60 6.68 10.49
CA ILE A 142 -19.90 7.84 11.00
C ILE A 142 -18.51 7.33 11.32
N THR A 143 -17.50 8.12 10.96
CA THR A 143 -16.12 7.74 11.21
C THR A 143 -15.85 7.83 12.71
N SER A 144 -15.28 6.77 13.26
CA SER A 144 -15.01 6.67 14.67
C SER A 144 -13.78 7.42 15.17
N SER A 145 -13.80 7.75 16.46
CA SER A 145 -12.67 8.40 17.11
C SER A 145 -11.77 7.31 17.70
N TRP A 146 -12.17 6.05 17.49
CA TRP A 146 -11.36 4.91 17.93
C TRP A 146 -10.76 4.29 16.66
N ALA A 147 -9.44 4.11 16.66
CA ALA A 147 -8.75 3.54 15.51
C ALA A 147 -8.65 2.02 15.63
N ARG A 148 -8.74 1.32 14.50
CA ARG A 148 -8.59 -0.13 14.49
C ARG A 148 -7.14 -0.36 14.89
N PHE A 149 -6.90 -1.33 15.76
CA PHE A 149 -5.57 -1.61 16.25
C PHE A 149 -4.50 -1.96 15.22
N PRO A 150 -3.28 -1.44 15.45
CA PRO A 150 -2.16 -1.73 14.53
C PRO A 150 -1.92 -3.24 14.57
N ALA A 151 -1.29 -3.77 13.52
CA ALA A 151 -1.03 -5.19 13.38
C ALA A 151 -0.08 -5.81 14.39
N ASN A 152 0.56 -4.97 15.19
CA ASN A 152 1.47 -5.44 16.23
C ASN A 152 0.95 -5.07 17.62
N VAL A 153 -0.34 -4.76 17.70
CA VAL A 153 -0.98 -4.40 18.96
C VAL A 153 -2.03 -5.45 19.35
N MET A 154 -2.88 -5.80 18.38
CA MET A 154 -3.89 -6.85 18.58
C MET A 154 -3.90 -7.60 17.25
N PRO A 155 -4.16 -8.92 17.28
CA PRO A 155 -4.19 -9.76 16.08
C PRO A 155 -5.46 -9.54 15.27
N GLY A 156 -5.42 -8.55 14.37
CA GLY A 156 -6.56 -8.19 13.56
C GLY A 156 -7.05 -9.16 12.51
N LYS A 157 -6.30 -10.23 12.27
CA LYS A 157 -6.70 -11.24 11.28
C LYS A 157 -7.43 -12.38 11.97
N ALA A 158 -7.55 -12.30 13.29
CA ALA A 158 -8.22 -13.34 14.06
C ALA A 158 -9.42 -12.79 14.79
N LYS A 159 -10.39 -13.66 15.07
CA LYS A 159 -11.56 -13.24 15.83
C LYS A 159 -11.30 -13.58 17.29
N VAL A 160 -10.43 -12.79 17.91
CA VAL A 160 -10.07 -12.97 19.31
C VAL A 160 -11.00 -12.07 20.12
N GLY A 161 -11.58 -12.64 21.17
CA GLY A 161 -12.51 -11.89 22.00
C GLY A 161 -12.11 -10.49 22.40
N GLY A 162 -10.92 -10.35 22.97
CA GLY A 162 -10.45 -9.06 23.42
C GLY A 162 -10.46 -7.97 22.36
N ASN A 163 -10.27 -8.38 21.11
CA ASN A 163 -10.25 -7.44 19.98
C ASN A 163 -11.54 -6.62 19.93
N TYR A 164 -12.65 -7.24 20.33
CA TYR A 164 -13.92 -6.58 20.22
C TYR A 164 -14.27 -5.47 21.19
N VAL A 165 -13.34 -5.16 22.09
CA VAL A 165 -13.54 -4.04 22.99
C VAL A 165 -13.44 -2.81 22.07
N ASN A 166 -12.53 -2.88 21.11
CA ASN A 166 -12.31 -1.80 20.14
C ASN A 166 -13.58 -1.64 19.28
N SER A 167 -14.14 -2.76 18.82
CA SER A 167 -15.35 -2.73 18.01
C SER A 167 -16.54 -2.20 18.83
N ALA A 168 -16.64 -2.64 20.08
CA ALA A 168 -17.73 -2.21 20.96
C ALA A 168 -17.70 -0.70 21.20
N LEU A 169 -16.51 -0.16 21.47
CA LEU A 169 -16.37 1.26 21.71
C LEU A 169 -16.77 2.07 20.48
N ALA A 170 -16.34 1.61 19.31
CA ALA A 170 -16.67 2.30 18.07
C ALA A 170 -18.17 2.20 17.75
N LYS A 171 -18.74 1.02 17.93
CA LYS A 171 -20.17 0.84 17.65
C LYS A 171 -21.03 1.69 18.57
N MET A 172 -20.71 1.72 19.85
CA MET A 172 -21.48 2.52 20.80
C MET A 172 -21.42 4.00 20.39
N GLU A 173 -20.23 4.46 20.00
CA GLU A 173 -20.05 5.84 19.59
C GLU A 173 -20.90 6.17 18.36
N ALA A 174 -20.88 5.29 17.38
CA ALA A 174 -21.65 5.50 16.15
C ALA A 174 -23.14 5.57 16.42
N VAL A 175 -23.64 4.64 17.22
CA VAL A 175 -25.07 4.61 17.54
C VAL A 175 -25.46 5.85 18.35
N ALA A 176 -24.61 6.25 19.28
CA ALA A 176 -24.89 7.43 20.09
C ALA A 176 -24.98 8.68 19.23
N ALA A 177 -24.21 8.70 18.14
CA ALA A 177 -24.19 9.84 17.22
C ALA A 177 -25.35 9.80 16.23
N GLY A 178 -26.15 8.75 16.30
CA GLY A 178 -27.29 8.63 15.41
C GLY A 178 -27.08 7.84 14.13
N ALA A 179 -25.93 7.17 14.02
CA ALA A 179 -25.62 6.37 12.84
C ALA A 179 -25.96 4.91 13.06
N ASP A 180 -25.89 4.11 11.99
CA ASP A 180 -26.18 2.69 12.07
C ASP A 180 -24.94 1.87 12.38
N GLU A 181 -23.79 2.37 11.93
CA GLU A 181 -22.55 1.65 12.11
C GLU A 181 -21.37 2.61 12.11
N ALA A 182 -20.25 2.15 12.65
CA ALA A 182 -19.04 2.95 12.72
C ALA A 182 -18.07 2.58 11.61
N LEU A 183 -17.32 3.57 11.15
CA LEU A 183 -16.28 3.34 10.14
C LEU A 183 -15.01 3.66 10.90
N LEU A 184 -14.13 2.68 11.06
CA LEU A 184 -12.89 2.92 11.78
C LEU A 184 -11.73 3.17 10.82
N LEU A 185 -10.85 4.08 11.22
CA LEU A 185 -9.66 4.39 10.44
C LEU A 185 -8.52 3.66 11.15
N ASP A 186 -7.39 3.48 10.48
CA ASP A 186 -6.25 2.87 11.15
C ASP A 186 -5.52 4.04 11.81
N GLU A 187 -4.48 3.76 12.57
CA GLU A 187 -3.76 4.81 13.28
C GLU A 187 -3.12 5.85 12.35
N GLU A 188 -2.84 5.45 11.12
CA GLU A 188 -2.24 6.36 10.16
C GLU A 188 -3.27 7.29 9.51
N GLY A 189 -4.55 7.01 9.71
CA GLY A 189 -5.58 7.85 9.16
C GLY A 189 -6.33 7.33 7.95
N TYR A 190 -5.96 6.15 7.48
CA TYR A 190 -6.64 5.56 6.33
C TYR A 190 -7.85 4.76 6.79
N VAL A 191 -8.80 4.54 5.89
CA VAL A 191 -9.97 3.75 6.21
C VAL A 191 -9.53 2.33 6.50
N ALA A 192 -10.12 1.73 7.54
CA ALA A 192 -9.81 0.34 7.89
C ALA A 192 -11.06 -0.49 7.56
N GLU A 193 -12.02 -0.51 8.46
CA GLU A 193 -13.27 -1.26 8.24
C GLU A 193 -14.33 -0.84 9.25
N GLY A 194 -15.49 -1.47 9.17
CA GLY A 194 -16.56 -1.17 10.11
C GLY A 194 -16.28 -1.90 11.41
N SER A 195 -17.13 -1.72 12.42
CA SER A 195 -16.90 -2.40 13.69
C SER A 195 -16.95 -3.92 13.50
N GLY A 196 -17.62 -4.36 12.44
CA GLY A 196 -17.72 -5.79 12.17
C GLY A 196 -18.01 -6.10 10.72
N GLU A 197 -17.53 -5.25 9.83
CA GLU A 197 -17.76 -5.42 8.39
C GLU A 197 -16.60 -4.91 7.56
N ASN A 198 -16.34 -5.57 6.44
CA ASN A 198 -15.29 -5.12 5.52
C ASN A 198 -15.93 -4.08 4.60
N LEU A 199 -15.12 -3.18 4.06
CA LEU A 199 -15.63 -2.11 3.19
C LEU A 199 -15.20 -2.18 1.74
N PHE A 200 -16.10 -1.68 0.87
CA PHE A 200 -15.89 -1.62 -0.57
C PHE A 200 -16.45 -0.28 -1.04
N PHE A 201 -15.98 0.19 -2.20
CA PHE A 201 -16.55 1.38 -2.79
C PHE A 201 -16.49 1.24 -4.30
N VAL A 202 -17.34 1.97 -5.00
CA VAL A 202 -17.41 1.89 -6.45
C VAL A 202 -17.24 3.28 -7.03
N ARG A 203 -16.39 3.40 -8.05
CA ARG A 203 -16.16 4.69 -8.68
C ARG A 203 -15.91 4.49 -10.17
N ASP A 204 -16.68 5.20 -10.99
CA ASP A 204 -16.58 5.12 -12.43
C ASP A 204 -16.62 3.69 -12.96
N GLY A 205 -17.55 2.89 -12.43
CA GLY A 205 -17.72 1.53 -12.88
C GLY A 205 -16.79 0.46 -12.31
N VAL A 206 -15.76 0.89 -11.60
CA VAL A 206 -14.82 -0.07 -11.03
C VAL A 206 -15.10 -0.31 -9.55
N ILE A 207 -15.03 -1.57 -9.13
CA ILE A 207 -15.26 -1.92 -7.73
C ILE A 207 -13.92 -1.95 -7.01
N TYR A 208 -13.86 -1.20 -5.91
CA TYR A 208 -12.64 -1.14 -5.12
C TYR A 208 -12.82 -1.81 -3.77
N ALA A 209 -12.09 -2.90 -3.57
CA ALA A 209 -12.13 -3.62 -2.31
C ALA A 209 -10.97 -3.05 -1.52
N LEU A 210 -11.15 -2.83 -0.23
CA LEU A 210 -10.06 -2.29 0.56
C LEU A 210 -9.03 -3.38 0.84
N GLU A 211 -7.76 -3.00 0.88
CA GLU A 211 -6.69 -3.94 1.18
C GLU A 211 -6.96 -4.52 2.57
N HIS A 212 -6.34 -5.65 2.88
CA HIS A 212 -6.56 -6.26 4.18
C HIS A 212 -6.05 -5.43 5.34
N SER A 213 -4.98 -4.67 5.11
CA SER A 213 -4.36 -3.84 6.14
C SER A 213 -4.47 -4.48 7.52
N VAL A 214 -5.15 -3.82 8.46
CA VAL A 214 -5.31 -4.35 9.82
C VAL A 214 -6.69 -4.98 10.03
N ASN A 215 -7.42 -5.20 8.94
CA ASN A 215 -8.77 -5.74 8.97
C ASN A 215 -8.83 -7.25 8.96
N LEU A 216 -9.99 -7.80 9.28
CA LEU A 216 -10.14 -9.25 9.25
C LEU A 216 -10.34 -9.60 7.77
N GLU A 217 -9.80 -10.73 7.33
CA GLU A 217 -9.96 -11.16 5.93
C GLU A 217 -11.34 -11.81 5.83
N GLY A 218 -12.35 -10.99 5.53
CA GLY A 218 -13.71 -11.50 5.46
C GLY A 218 -14.02 -12.55 4.41
N ILE A 219 -14.83 -13.53 4.81
CA ILE A 219 -15.24 -14.58 3.91
C ILE A 219 -16.35 -14.02 3.00
N THR A 220 -17.14 -13.08 3.53
CA THR A 220 -18.19 -12.46 2.73
C THR A 220 -17.50 -11.58 1.68
N ARG A 221 -16.46 -10.87 2.11
CA ARG A 221 -15.68 -10.02 1.21
C ARG A 221 -15.13 -10.88 0.07
N ASP A 222 -14.56 -12.03 0.43
CA ASP A 222 -14.01 -12.94 -0.57
C ASP A 222 -15.10 -13.38 -1.54
N SER A 223 -16.26 -13.75 -1.00
CA SER A 223 -17.38 -14.21 -1.80
C SER A 223 -17.86 -13.11 -2.76
N VAL A 224 -17.97 -11.89 -2.27
CA VAL A 224 -18.43 -10.78 -3.09
C VAL A 224 -17.44 -10.45 -4.22
N ILE A 225 -16.14 -10.58 -3.96
CA ILE A 225 -15.16 -10.32 -5.00
C ILE A 225 -15.30 -11.34 -6.13
N ARG A 226 -15.47 -12.61 -5.77
CA ARG A 226 -15.62 -13.65 -6.78
C ARG A 226 -16.89 -13.40 -7.59
N ILE A 227 -17.98 -13.07 -6.89
CA ILE A 227 -19.24 -12.80 -7.56
C ILE A 227 -19.09 -11.61 -8.51
N ALA A 228 -18.45 -10.54 -8.03
CA ALA A 228 -18.24 -9.35 -8.84
C ALA A 228 -17.50 -9.65 -10.13
N LYS A 229 -16.41 -10.42 -10.03
CA LYS A 229 -15.63 -10.77 -11.20
C LYS A 229 -16.45 -11.64 -12.16
N ASP A 230 -17.23 -12.56 -11.60
CA ASP A 230 -18.06 -13.44 -12.42
C ASP A 230 -19.10 -12.62 -13.19
N LEU A 231 -19.57 -11.53 -12.57
CA LEU A 231 -20.55 -10.66 -13.21
C LEU A 231 -19.90 -9.75 -14.25
N GLY A 232 -18.57 -9.77 -14.34
CA GLY A 232 -17.87 -8.96 -15.31
C GLY A 232 -17.30 -7.63 -14.83
N TYR A 233 -17.45 -7.35 -13.55
CA TYR A 233 -16.93 -6.09 -12.99
C TYR A 233 -15.43 -6.15 -12.76
N GLU A 234 -14.78 -5.01 -12.94
CA GLU A 234 -13.35 -4.93 -12.69
C GLU A 234 -13.23 -4.68 -11.19
N VAL A 235 -12.34 -5.42 -10.54
CA VAL A 235 -12.13 -5.26 -9.11
C VAL A 235 -10.67 -4.93 -8.84
N GLN A 236 -10.46 -3.87 -8.08
CA GLN A 236 -9.11 -3.46 -7.71
C GLN A 236 -9.06 -3.43 -6.19
N VAL A 237 -7.90 -3.81 -5.63
CA VAL A 237 -7.72 -3.80 -4.18
C VAL A 237 -6.81 -2.62 -3.88
N VAL A 238 -7.30 -1.69 -3.06
CA VAL A 238 -6.55 -0.49 -2.75
C VAL A 238 -6.67 0.00 -1.31
N ARG A 239 -5.82 0.95 -0.98
CA ARG A 239 -5.85 1.61 0.32
C ARG A 239 -6.76 2.80 0.03
N ALA A 240 -7.58 3.22 0.99
CA ALA A 240 -8.49 4.34 0.76
C ALA A 240 -8.59 5.32 1.92
N THR A 241 -8.90 6.57 1.58
CA THR A 241 -9.08 7.63 2.57
C THR A 241 -10.58 7.91 2.69
N ARG A 242 -10.96 8.58 3.78
CA ARG A 242 -12.37 8.89 4.00
C ARG A 242 -12.96 9.71 2.87
N ASP A 243 -12.19 10.66 2.34
CA ASP A 243 -12.73 11.48 1.27
C ASP A 243 -12.80 10.77 -0.08
N GLN A 244 -12.11 9.64 -0.23
CA GLN A 244 -12.24 8.88 -1.47
C GLN A 244 -13.63 8.22 -1.38
N LEU A 245 -14.04 7.86 -0.17
CA LEU A 245 -15.36 7.26 0.03
C LEU A 245 -16.45 8.32 -0.16
N TYR A 246 -16.22 9.52 0.35
CA TYR A 246 -17.21 10.60 0.21
C TYR A 246 -17.55 10.87 -1.25
N MET A 247 -16.56 10.71 -2.13
CA MET A 247 -16.74 10.97 -3.55
C MET A 247 -17.04 9.74 -4.40
N ALA A 248 -17.22 8.60 -3.75
CA ALA A 248 -17.50 7.37 -4.49
C ALA A 248 -18.93 7.36 -5.03
N ASP A 249 -19.16 6.56 -6.07
CA ASP A 249 -20.51 6.45 -6.62
C ASP A 249 -21.32 5.58 -5.67
N GLU A 250 -20.66 4.60 -5.06
CA GLU A 250 -21.29 3.69 -4.09
C GLU A 250 -20.29 3.25 -3.05
N VAL A 251 -20.81 2.83 -1.90
CA VAL A 251 -20.00 2.29 -0.82
C VAL A 251 -20.86 1.18 -0.23
N PHE A 252 -20.25 0.04 0.11
CA PHE A 252 -21.02 -1.02 0.73
C PHE A 252 -20.14 -1.82 1.68
N MET A 253 -20.78 -2.55 2.59
CA MET A 253 -20.09 -3.35 3.61
C MET A 253 -20.46 -4.81 3.48
N THR A 254 -19.55 -5.68 3.90
CA THR A 254 -19.81 -7.12 3.86
C THR A 254 -19.44 -7.77 5.18
N GLY A 255 -20.15 -8.85 5.51
CA GLY A 255 -19.90 -9.58 6.73
C GLY A 255 -20.91 -10.71 6.81
N THR A 256 -20.64 -11.73 7.59
CA THR A 256 -21.58 -12.83 7.71
C THR A 256 -22.93 -12.34 8.21
N ALA A 257 -22.92 -11.54 9.27
CA ALA A 257 -24.16 -11.00 9.81
C ALA A 257 -24.73 -9.89 8.93
N ALA A 258 -23.85 -9.08 8.35
CA ALA A 258 -24.26 -7.96 7.52
C ALA A 258 -24.55 -8.30 6.05
N GLU A 259 -24.20 -9.52 5.63
CA GLU A 259 -24.40 -9.94 4.25
C GLU A 259 -23.75 -8.86 3.38
N VAL A 260 -24.47 -8.30 2.42
CA VAL A 260 -23.93 -7.20 1.61
C VAL A 260 -24.85 -6.04 1.88
N THR A 261 -24.34 -5.04 2.60
CA THR A 261 -25.15 -3.89 2.98
C THR A 261 -24.70 -2.58 2.33
N PRO A 262 -25.57 -1.97 1.53
CA PRO A 262 -25.23 -0.70 0.87
C PRO A 262 -25.10 0.40 1.92
N VAL A 263 -24.21 1.36 1.67
CA VAL A 263 -23.98 2.49 2.57
C VAL A 263 -24.39 3.75 1.81
N SER A 264 -25.40 4.44 2.30
CA SER A 264 -25.89 5.63 1.63
C SER A 264 -25.36 6.97 2.13
N MET A 265 -24.70 6.96 3.28
CA MET A 265 -24.19 8.20 3.85
C MET A 265 -23.06 7.94 4.83
N ILE A 266 -22.05 8.80 4.81
CA ILE A 266 -20.93 8.70 5.74
C ILE A 266 -20.67 10.10 6.27
N ASP A 267 -20.64 10.23 7.59
CA ASP A 267 -20.40 11.52 8.23
C ASP A 267 -21.36 12.60 7.68
N TRP A 268 -22.62 12.23 7.58
CA TRP A 268 -23.69 13.13 7.11
C TRP A 268 -23.48 13.66 5.70
N ARG A 269 -22.64 12.98 4.93
CA ARG A 269 -22.37 13.35 3.55
C ARG A 269 -22.92 12.20 2.71
N PRO A 270 -23.91 12.48 1.85
CA PRO A 270 -24.49 11.43 1.02
C PRO A 270 -23.49 10.80 0.04
N ILE A 271 -23.60 9.49 -0.14
CA ILE A 271 -22.74 8.79 -1.07
C ILE A 271 -23.49 8.67 -2.38
N GLY A 272 -22.95 9.27 -3.43
CA GLY A 272 -23.60 9.22 -4.73
C GLY A 272 -25.00 9.81 -4.67
N LYS A 273 -26.00 9.03 -5.09
CA LYS A 273 -27.39 9.50 -5.09
C LYS A 273 -28.03 9.52 -3.71
N GLY A 274 -27.32 9.04 -2.70
CA GLY A 274 -27.87 9.06 -1.35
C GLY A 274 -28.74 7.86 -0.99
N THR A 275 -28.74 6.85 -1.87
CA THR A 275 -29.51 5.64 -1.64
C THR A 275 -28.65 4.49 -2.17
N ALA A 276 -29.07 3.26 -1.90
CA ALA A 276 -28.33 2.09 -2.37
C ALA A 276 -28.13 2.15 -3.88
N GLY A 277 -26.92 1.83 -4.33
CA GLY A 277 -26.62 1.84 -5.75
C GLY A 277 -26.85 0.50 -6.41
N PRO A 278 -26.90 0.46 -7.76
CA PRO A 278 -27.12 -0.78 -8.50
C PRO A 278 -26.07 -1.88 -8.32
N VAL A 279 -24.80 -1.49 -8.22
CA VAL A 279 -23.76 -2.49 -8.07
C VAL A 279 -23.89 -3.25 -6.76
N ALA A 280 -24.01 -2.53 -5.64
CA ALA A 280 -24.14 -3.19 -4.35
C ALA A 280 -25.38 -4.07 -4.30
N LEU A 281 -26.47 -3.62 -4.93
CA LEU A 281 -27.71 -4.38 -4.95
C LEU A 281 -27.56 -5.67 -5.77
N ARG A 282 -26.84 -5.62 -6.87
CA ARG A 282 -26.66 -6.80 -7.69
C ARG A 282 -25.80 -7.82 -6.94
N LEU A 283 -24.73 -7.34 -6.30
CA LEU A 283 -23.86 -8.24 -5.55
C LEU A 283 -24.65 -8.87 -4.40
N ARG A 284 -25.47 -8.08 -3.72
CA ARG A 284 -26.27 -8.60 -2.62
C ARG A 284 -27.22 -9.69 -3.13
N GLU A 285 -27.89 -9.42 -4.25
CA GLU A 285 -28.83 -10.38 -4.80
C GLU A 285 -28.17 -11.70 -5.20
N VAL A 286 -27.03 -11.63 -5.88
CA VAL A 286 -26.36 -12.87 -6.26
C VAL A 286 -25.87 -13.61 -5.03
N TYR A 287 -25.38 -12.86 -4.05
CA TYR A 287 -24.91 -13.49 -2.81
C TYR A 287 -26.05 -14.24 -2.13
N LEU A 288 -27.22 -13.59 -2.03
CA LEU A 288 -28.36 -14.24 -1.38
C LEU A 288 -28.86 -15.44 -2.19
N GLU A 289 -28.73 -15.37 -3.51
CA GLU A 289 -29.13 -16.49 -4.35
C GLU A 289 -28.15 -17.64 -4.09
N ALA A 290 -26.88 -17.30 -3.92
CA ALA A 290 -25.85 -18.29 -3.66
C ALA A 290 -26.04 -19.02 -2.33
N VAL A 291 -26.24 -18.28 -1.25
CA VAL A 291 -26.39 -18.90 0.06
C VAL A 291 -27.68 -19.71 0.23
N THR A 292 -28.66 -19.45 -0.64
CA THR A 292 -29.93 -20.17 -0.56
C THR A 292 -30.02 -21.30 -1.58
N GLY A 293 -28.86 -21.70 -2.11
CA GLY A 293 -28.80 -22.79 -3.06
C GLY A 293 -29.42 -22.57 -4.43
N ARG A 294 -29.44 -21.33 -4.90
CA ARG A 294 -30.02 -21.05 -6.21
C ARG A 294 -28.98 -20.72 -7.29
N ARG A 295 -27.71 -20.95 -6.98
CA ARG A 295 -26.64 -20.72 -7.94
C ARG A 295 -25.79 -21.98 -8.05
N PRO A 296 -26.02 -22.80 -9.09
CA PRO A 296 -25.26 -24.04 -9.28
C PRO A 296 -23.74 -23.87 -9.24
N GLU A 297 -23.25 -22.77 -9.80
CA GLU A 297 -21.82 -22.49 -9.85
C GLU A 297 -21.18 -22.23 -8.49
N TYR A 298 -22.01 -21.97 -7.48
CA TYR A 298 -21.50 -21.70 -6.13
C TYR A 298 -21.92 -22.76 -5.11
N GLU A 299 -22.47 -23.87 -5.58
CA GLU A 299 -22.90 -24.93 -4.68
C GLU A 299 -21.76 -25.47 -3.82
N GLY A 300 -20.53 -25.32 -4.31
CA GLY A 300 -19.37 -25.80 -3.56
C GLY A 300 -19.21 -25.10 -2.23
N TRP A 301 -19.82 -23.93 -2.10
CA TRP A 301 -19.76 -23.14 -0.86
C TRP A 301 -20.77 -23.59 0.19
N LEU A 302 -21.70 -24.45 -0.19
CA LEU A 302 -22.74 -24.89 0.73
C LEU A 302 -22.59 -26.28 1.31
N THR A 303 -22.97 -26.42 2.58
CA THR A 303 -22.95 -27.70 3.28
C THR A 303 -24.38 -27.93 3.73
N TYR A 304 -25.06 -28.88 3.09
CA TYR A 304 -26.45 -29.18 3.45
C TYR A 304 -26.52 -30.05 4.69
N VAL A 305 -27.24 -29.56 5.69
CA VAL A 305 -27.40 -30.24 6.96
C VAL A 305 -28.17 -31.56 6.85
N ASN A 306 -29.17 -31.61 5.97
CA ASN A 306 -29.94 -32.83 5.81
C ASN A 306 -29.43 -33.64 4.62
N ILE B 3 -2.78 40.44 -11.17
CA ILE B 3 -3.29 39.46 -12.18
C ILE B 3 -4.25 40.16 -13.13
N LYS B 4 -4.05 39.95 -14.43
CA LYS B 4 -4.89 40.56 -15.45
C LYS B 4 -6.00 39.58 -15.84
N ALA B 5 -7.05 39.51 -15.03
CA ALA B 5 -8.16 38.60 -15.28
C ALA B 5 -9.26 39.18 -16.16
N GLY B 6 -9.52 40.48 -16.05
CA GLY B 6 -10.57 41.09 -16.84
C GLY B 6 -11.94 40.81 -16.24
N LEU B 7 -12.87 40.37 -17.08
CA LEU B 7 -14.23 40.08 -16.65
C LEU B 7 -14.27 38.78 -15.85
N ILE B 8 -14.78 38.87 -14.63
CA ILE B 8 -14.87 37.72 -13.73
C ILE B 8 -16.34 37.39 -13.43
N TRP B 9 -16.67 36.10 -13.48
CA TRP B 9 -18.02 35.64 -13.19
C TRP B 9 -18.17 35.63 -11.67
N MET B 10 -19.11 36.41 -11.15
CA MET B 10 -19.36 36.49 -9.71
C MET B 10 -20.78 36.07 -9.37
N ASN B 11 -20.90 34.87 -8.80
CA ASN B 11 -22.19 34.33 -8.41
C ASN B 11 -23.34 34.55 -9.38
N GLY B 12 -23.14 34.23 -10.65
CA GLY B 12 -24.20 34.38 -11.63
C GLY B 12 -24.06 35.38 -12.74
N ALA B 13 -23.15 36.34 -12.60
CA ALA B 13 -22.98 37.35 -13.65
C ALA B 13 -21.56 37.89 -13.73
N PHE B 14 -21.14 38.27 -14.92
CA PHE B 14 -19.80 38.82 -15.12
C PHE B 14 -19.70 40.27 -14.70
N VAL B 15 -18.59 40.61 -14.07
CA VAL B 15 -18.34 41.98 -13.61
C VAL B 15 -16.87 42.30 -13.84
N PRO B 16 -16.53 43.60 -13.93
CA PRO B 16 -15.13 44.00 -14.14
C PRO B 16 -14.31 43.51 -12.95
N GLN B 17 -13.04 43.20 -13.19
CA GLN B 17 -12.17 42.72 -12.13
C GLN B 17 -12.22 43.58 -10.87
N GLU B 18 -12.24 44.90 -11.04
CA GLU B 18 -12.27 45.82 -9.92
C GLU B 18 -13.47 45.59 -8.99
N GLU B 19 -14.54 45.02 -9.53
CA GLU B 19 -15.74 44.77 -8.73
C GLU B 19 -15.77 43.36 -8.16
N ALA B 20 -14.82 42.53 -8.59
CA ALA B 20 -14.74 41.15 -8.11
C ALA B 20 -13.98 41.09 -6.79
N LYS B 21 -14.63 41.59 -5.73
CA LYS B 21 -14.03 41.61 -4.40
C LYS B 21 -15.01 41.05 -3.39
N THR B 22 -14.50 40.62 -2.25
CA THR B 22 -15.32 40.04 -1.20
C THR B 22 -14.91 40.64 0.15
N SER B 23 -15.82 40.62 1.10
CA SER B 23 -15.55 41.17 2.42
C SER B 23 -14.32 40.56 3.08
N VAL B 24 -13.56 41.39 3.80
CA VAL B 24 -12.38 40.89 4.49
C VAL B 24 -12.82 40.10 5.73
N LEU B 25 -14.14 40.02 5.94
CA LEU B 25 -14.69 39.26 7.06
C LEU B 25 -15.20 37.91 6.57
N SER B 26 -14.87 37.57 5.33
CA SER B 26 -15.27 36.30 4.74
C SER B 26 -14.60 35.14 5.48
N HIS B 27 -15.41 34.16 5.86
CA HIS B 27 -14.95 32.99 6.58
C HIS B 27 -13.70 32.37 5.94
N ALA B 28 -13.71 32.22 4.63
CA ALA B 28 -12.58 31.62 3.93
C ALA B 28 -11.26 32.39 4.03
N LEU B 29 -11.33 33.70 4.22
CA LEU B 29 -10.11 34.49 4.33
C LEU B 29 -9.45 34.30 5.69
N HIS B 30 -10.24 33.87 6.67
CA HIS B 30 -9.76 33.65 8.04
C HIS B 30 -9.49 32.19 8.37
N TYR B 31 -10.25 31.29 7.76
CA TYR B 31 -10.16 29.88 8.11
C TYR B 31 -9.89 28.85 7.00
N GLY B 32 -9.52 29.34 5.81
CA GLY B 32 -9.20 28.45 4.69
C GLY B 32 -10.32 27.64 4.09
N THR B 33 -11.55 28.04 4.40
CA THR B 33 -12.74 27.35 3.93
C THR B 33 -13.20 27.69 2.52
N SER B 34 -12.38 27.31 1.54
CA SER B 34 -12.70 27.54 0.14
C SER B 34 -12.29 26.29 -0.64
N VAL B 35 -12.79 26.17 -1.86
CA VAL B 35 -12.41 25.07 -2.73
C VAL B 35 -12.18 25.69 -4.10
N PHE B 36 -11.26 25.12 -4.86
CA PHE B 36 -10.95 25.66 -6.17
C PHE B 36 -10.55 24.59 -7.16
N GLU B 37 -10.36 25.00 -8.40
CA GLU B 37 -9.91 24.10 -9.44
C GLU B 37 -8.91 24.81 -10.32
N GLY B 38 -8.14 24.02 -11.06
CA GLY B 38 -7.15 24.54 -11.98
C GLY B 38 -7.53 23.91 -13.31
N ILE B 39 -8.01 24.73 -14.24
CA ILE B 39 -8.44 24.24 -15.54
C ILE B 39 -7.74 25.04 -16.64
N ARG B 40 -7.46 24.40 -17.76
CA ARG B 40 -6.81 25.11 -18.85
C ARG B 40 -7.51 24.99 -20.18
N ALA B 41 -7.44 26.08 -20.93
CA ALA B 41 -7.99 26.13 -22.27
C ALA B 41 -6.74 26.26 -23.14
N TYR B 42 -6.65 25.43 -24.16
CA TYR B 42 -5.52 25.47 -25.08
C TYR B 42 -6.05 25.88 -26.45
N GLU B 43 -5.35 26.80 -27.11
CA GLU B 43 -5.78 27.23 -28.43
C GLU B 43 -5.57 26.13 -29.46
N THR B 44 -6.51 26.01 -30.39
CA THR B 44 -6.43 25.04 -31.48
C THR B 44 -6.83 25.80 -32.73
N ALA B 45 -6.73 25.17 -33.89
CA ALA B 45 -7.12 25.82 -35.14
C ALA B 45 -8.63 25.99 -35.17
N LYS B 46 -9.31 25.37 -34.22
CA LYS B 46 -10.77 25.45 -34.12
C LYS B 46 -11.18 26.25 -32.89
N GLY B 47 -10.28 27.10 -32.41
CA GLY B 47 -10.57 27.90 -31.24
C GLY B 47 -10.12 27.25 -29.95
N PRO B 48 -10.29 27.93 -28.81
CA PRO B 48 -9.89 27.38 -27.51
C PRO B 48 -10.61 26.10 -27.14
N ALA B 49 -9.87 25.17 -26.55
CA ALA B 49 -10.43 23.89 -26.12
C ALA B 49 -10.08 23.70 -24.65
N ILE B 50 -11.09 23.51 -23.82
CA ILE B 50 -10.88 23.30 -22.38
C ILE B 50 -10.61 21.83 -22.15
N PHE B 51 -9.56 21.52 -21.39
CA PHE B 51 -9.20 20.13 -21.13
C PHE B 51 -9.91 19.48 -19.96
N ARG B 52 -10.62 18.40 -20.26
CA ARG B 52 -11.37 17.59 -19.28
C ARG B 52 -12.17 18.44 -18.30
N LEU B 53 -13.00 19.30 -18.87
CA LEU B 53 -13.85 20.22 -18.12
C LEU B 53 -14.78 19.54 -17.13
N LYS B 54 -15.52 18.54 -17.60
CA LYS B 54 -16.46 17.86 -16.71
C LYS B 54 -15.77 17.15 -15.55
N GLU B 55 -14.57 16.61 -15.78
CA GLU B 55 -13.87 15.93 -14.70
C GLU B 55 -13.44 16.95 -13.64
N HIS B 56 -13.01 18.13 -14.08
CA HIS B 56 -12.62 19.18 -13.15
C HIS B 56 -13.81 19.71 -12.38
N VAL B 57 -14.94 19.90 -13.06
CA VAL B 57 -16.13 20.40 -12.40
C VAL B 57 -16.65 19.37 -11.38
N LYS B 58 -16.58 18.09 -11.73
CA LYS B 58 -17.01 17.05 -10.80
C LYS B 58 -16.15 17.12 -9.53
N ARG B 59 -14.84 17.31 -9.70
CA ARG B 59 -13.96 17.37 -8.54
C ARG B 59 -14.25 18.62 -7.69
N PHE B 60 -14.62 19.70 -8.36
CA PHE B 60 -14.95 20.95 -7.69
C PHE B 60 -16.11 20.72 -6.71
N TYR B 61 -17.17 20.08 -7.22
CA TYR B 61 -18.31 19.80 -6.36
C TYR B 61 -17.96 18.74 -5.30
N ASN B 62 -17.08 17.81 -5.64
CA ASN B 62 -16.66 16.79 -4.68
C ASN B 62 -15.89 17.46 -3.54
N SER B 63 -15.05 18.43 -3.88
CA SER B 63 -14.29 19.14 -2.85
C SER B 63 -15.25 19.88 -1.92
N ALA B 64 -16.28 20.48 -2.49
CA ALA B 64 -17.27 21.20 -1.69
C ALA B 64 -17.97 20.26 -0.73
N LYS B 65 -18.28 19.05 -1.19
CA LYS B 65 -18.97 18.09 -0.33
C LYS B 65 -18.13 17.74 0.90
N VAL B 66 -16.81 17.69 0.74
CA VAL B 66 -15.95 17.37 1.86
C VAL B 66 -16.11 18.39 2.98
N LEU B 67 -16.31 19.66 2.62
CA LEU B 67 -16.47 20.72 3.59
C LEU B 67 -17.94 20.95 3.95
N ARG B 68 -18.83 20.15 3.36
CA ARG B 68 -20.27 20.30 3.58
C ARG B 68 -20.67 21.69 3.11
N MET B 69 -19.96 22.16 2.09
CA MET B 69 -20.20 23.47 1.48
C MET B 69 -21.24 23.32 0.38
N GLU B 70 -22.22 24.21 0.38
CA GLU B 70 -23.28 24.18 -0.63
C GLU B 70 -22.98 25.17 -1.76
N ILE B 71 -22.86 24.65 -2.98
CA ILE B 71 -22.62 25.48 -4.15
C ILE B 71 -24.01 25.70 -4.75
N PRO B 72 -24.53 26.95 -4.68
CA PRO B 72 -25.85 27.30 -5.20
C PRO B 72 -26.01 27.43 -6.71
N PHE B 73 -25.33 26.56 -7.45
CA PHE B 73 -25.40 26.56 -8.90
C PHE B 73 -25.29 25.13 -9.38
N ALA B 74 -25.99 24.79 -10.46
CA ALA B 74 -25.92 23.45 -11.00
C ALA B 74 -24.61 23.32 -11.77
N PRO B 75 -24.02 22.13 -11.81
CA PRO B 75 -22.76 21.94 -12.53
C PRO B 75 -22.78 22.51 -13.95
N GLU B 76 -23.91 22.36 -14.63
CA GLU B 76 -24.04 22.87 -15.99
C GLU B 76 -23.90 24.40 -16.06
N GLU B 77 -24.36 25.08 -15.01
CA GLU B 77 -24.26 26.53 -14.97
C GLU B 77 -22.79 26.94 -14.84
N LEU B 78 -22.06 26.23 -13.99
CA LEU B 78 -20.64 26.51 -13.78
C LEU B 78 -19.86 26.23 -15.06
N GLU B 79 -20.24 25.16 -15.76
CA GLU B 79 -19.58 24.79 -17.00
C GLU B 79 -19.77 25.87 -18.06
N GLU B 80 -20.95 26.46 -18.11
CA GLU B 80 -21.24 27.52 -19.06
C GLU B 80 -20.43 28.77 -18.68
N ALA B 81 -20.34 29.05 -17.40
CA ALA B 81 -19.58 30.21 -16.92
C ALA B 81 -18.10 30.05 -17.28
N ILE B 82 -17.60 28.83 -17.16
CA ILE B 82 -16.20 28.56 -17.49
C ILE B 82 -15.93 28.75 -18.97
N LYS B 83 -16.89 28.39 -19.82
CA LYS B 83 -16.73 28.58 -21.26
C LYS B 83 -16.81 30.07 -21.56
N GLU B 84 -17.74 30.75 -20.91
CA GLU B 84 -17.93 32.18 -21.11
C GLU B 84 -16.79 33.08 -20.64
N VAL B 85 -16.08 32.67 -19.59
CA VAL B 85 -14.99 33.52 -19.11
C VAL B 85 -13.90 33.57 -20.17
N VAL B 86 -13.79 32.52 -20.97
CA VAL B 86 -12.81 32.47 -22.04
C VAL B 86 -13.29 33.37 -23.18
N ARG B 87 -14.55 33.19 -23.59
CA ARG B 87 -15.13 33.96 -24.69
C ARG B 87 -15.20 35.47 -24.43
N ARG B 88 -15.79 35.83 -23.30
CA ARG B 88 -15.96 37.24 -22.97
C ARG B 88 -14.67 38.04 -22.84
N ASN B 89 -13.57 37.37 -22.54
CA ASN B 89 -12.30 38.06 -22.42
C ASN B 89 -11.45 37.94 -23.69
N GLY B 90 -12.00 37.26 -24.69
CA GLY B 90 -11.30 37.09 -25.95
C GLY B 90 -10.00 36.33 -25.84
N TYR B 91 -9.94 35.42 -24.88
CA TYR B 91 -8.73 34.62 -24.67
C TYR B 91 -8.63 33.46 -25.64
N ARG B 92 -7.39 33.06 -25.93
CA ARG B 92 -7.13 31.91 -26.77
C ARG B 92 -6.72 30.89 -25.69
N SER B 93 -5.43 30.70 -25.45
CA SER B 93 -5.02 29.77 -24.39
C SER B 93 -5.10 30.56 -23.08
N CYS B 94 -5.49 29.90 -22.00
CA CYS B 94 -5.58 30.57 -20.70
C CYS B 94 -5.74 29.60 -19.54
N TYR B 95 -5.52 30.11 -18.34
CA TYR B 95 -5.68 29.33 -17.11
C TYR B 95 -7.02 29.77 -16.54
N ILE B 96 -7.83 28.81 -16.09
CA ILE B 96 -9.15 29.10 -15.54
C ILE B 96 -9.20 28.66 -14.08
N ARG B 97 -9.64 29.58 -13.21
CA ARG B 97 -9.69 29.32 -11.78
C ARG B 97 -11.05 29.51 -11.12
N PRO B 98 -11.83 28.42 -10.99
CA PRO B 98 -13.14 28.52 -10.33
C PRO B 98 -12.83 28.50 -8.84
N LEU B 99 -13.61 29.23 -8.06
CA LEU B 99 -13.42 29.28 -6.62
C LEU B 99 -14.76 29.41 -5.90
N ALA B 100 -14.95 28.59 -4.87
CA ALA B 100 -16.17 28.66 -4.06
C ALA B 100 -15.63 28.91 -2.66
N TRP B 101 -16.20 29.91 -1.97
CA TRP B 101 -15.72 30.23 -0.63
C TRP B 101 -16.81 30.62 0.34
N MET B 102 -16.57 30.36 1.62
CA MET B 102 -17.54 30.71 2.65
C MET B 102 -17.45 32.21 2.90
N GLY B 103 -18.60 32.87 2.86
CA GLY B 103 -18.68 34.32 3.03
C GLY B 103 -18.62 34.89 4.43
N ALA B 104 -19.06 36.15 4.55
CA ALA B 104 -19.00 36.89 5.80
C ALA B 104 -20.25 36.94 6.69
N LYS B 105 -21.06 35.89 6.68
CA LYS B 105 -22.26 35.88 7.52
C LYS B 105 -21.89 35.80 9.00
N ALA B 106 -20.82 35.07 9.30
CA ALA B 106 -20.35 34.91 10.67
C ALA B 106 -18.92 34.39 10.67
N LEU B 107 -18.24 34.49 11.81
CA LEU B 107 -16.87 34.02 11.88
C LEU B 107 -16.60 32.97 12.97
N GLY B 108 -17.61 32.15 13.23
CA GLY B 108 -17.41 31.06 14.16
C GLY B 108 -16.66 30.06 13.30
N VAL B 109 -15.82 29.20 13.88
CA VAL B 109 -15.07 28.25 13.05
C VAL B 109 -15.97 27.35 12.21
N ASN B 110 -17.15 27.00 12.74
CA ASN B 110 -18.10 26.16 12.02
C ASN B 110 -18.61 26.97 10.83
N PRO B 111 -18.38 26.50 9.60
CA PRO B 111 -18.82 27.22 8.39
C PRO B 111 -20.27 27.00 7.94
N LEU B 112 -20.96 26.04 8.55
CA LEU B 112 -22.33 25.76 8.13
C LEU B 112 -23.27 26.96 8.14
N PRO B 113 -23.17 27.84 9.15
CA PRO B 113 -24.07 29.01 9.18
C PRO B 113 -23.82 29.97 8.02
N ASN B 114 -22.69 29.79 7.34
CA ASN B 114 -22.32 30.66 6.22
C ASN B 114 -22.81 30.20 4.86
N ASN B 115 -23.37 29.00 4.78
CA ASN B 115 -23.88 28.49 3.51
C ASN B 115 -25.05 29.34 3.00
N PRO B 116 -25.25 29.41 1.68
CA PRO B 116 -24.44 28.74 0.65
C PRO B 116 -23.16 29.52 0.35
N ALA B 117 -22.20 28.84 -0.26
CA ALA B 117 -20.95 29.47 -0.60
C ALA B 117 -21.08 30.46 -1.75
N GLU B 118 -20.14 31.40 -1.80
CA GLU B 118 -20.09 32.38 -2.86
C GLU B 118 -19.22 31.67 -3.92
N VAL B 119 -19.45 31.98 -5.19
CA VAL B 119 -18.69 31.33 -6.25
C VAL B 119 -18.24 32.33 -7.30
N MET B 120 -17.05 32.10 -7.86
CA MET B 120 -16.54 32.97 -8.91
C MET B 120 -15.70 32.14 -9.87
N VAL B 121 -15.58 32.63 -11.09
CA VAL B 121 -14.75 31.98 -12.10
C VAL B 121 -13.95 33.08 -12.78
N ALA B 122 -12.64 32.96 -12.72
CA ALA B 122 -11.75 33.93 -13.34
C ALA B 122 -10.78 33.20 -14.24
N ALA B 123 -10.23 33.91 -15.22
CA ALA B 123 -9.28 33.32 -16.14
C ALA B 123 -8.27 34.38 -16.55
N TRP B 124 -7.05 33.95 -16.85
CA TRP B 124 -6.03 34.88 -17.29
C TRP B 124 -5.02 34.17 -18.17
N GLU B 125 -4.26 34.95 -18.92
CA GLU B 125 -3.28 34.40 -19.84
C GLU B 125 -1.91 34.15 -19.24
N TRP B 126 -1.16 33.26 -19.88
CA TRP B 126 0.18 32.92 -19.43
C TRP B 126 1.18 33.99 -19.87
N GLY B 127 2.11 34.32 -18.97
CA GLY B 127 3.11 35.32 -19.30
C GLY B 127 4.26 34.73 -20.07
N ALA B 128 4.59 33.48 -19.79
CA ALA B 128 5.69 32.79 -20.46
C ALA B 128 5.57 31.29 -20.32
N TYR B 129 6.28 30.56 -21.18
CA TYR B 129 6.27 29.11 -21.17
C TYR B 129 7.71 28.61 -21.20
N LEU B 130 7.93 27.44 -20.63
CA LEU B 130 9.24 26.85 -20.63
C LEU B 130 9.51 26.33 -22.04
N GLY B 131 10.73 26.49 -22.51
CA GLY B 131 11.08 25.99 -23.83
C GLY B 131 11.65 24.59 -23.71
N GLU B 132 11.79 23.92 -24.84
CA GLU B 132 12.31 22.57 -24.87
C GLU B 132 13.67 22.44 -24.18
N GLU B 133 14.48 23.50 -24.25
CA GLU B 133 15.80 23.47 -23.61
C GLU B 133 15.66 23.27 -22.11
N ALA B 134 14.75 24.02 -21.50
CA ALA B 134 14.51 23.94 -20.07
C ALA B 134 13.88 22.61 -19.68
N VAL B 135 12.95 22.14 -20.50
CA VAL B 135 12.27 20.88 -20.25
C VAL B 135 13.30 19.74 -20.24
N ARG B 136 14.22 19.77 -21.21
CA ARG B 136 15.23 18.73 -21.32
C ARG B 136 16.22 18.78 -20.15
N LYS B 137 16.54 19.97 -19.67
CA LYS B 137 17.47 20.10 -18.54
C LYS B 137 16.80 19.43 -17.35
N GLY B 138 15.48 19.54 -17.29
CA GLY B 138 14.72 18.92 -16.22
C GLY B 138 14.63 19.70 -14.92
N ALA B 139 13.59 19.43 -14.16
CA ALA B 139 13.38 20.09 -12.88
C ALA B 139 14.22 19.45 -11.78
N ARG B 140 14.65 20.29 -10.84
CA ARG B 140 15.44 19.82 -9.71
C ARG B 140 14.54 19.89 -8.49
N LEU B 141 14.42 18.77 -7.79
CA LEU B 141 13.60 18.70 -6.59
C LEU B 141 14.43 18.47 -5.35
N ILE B 142 13.88 18.88 -4.22
CA ILE B 142 14.52 18.65 -2.93
C ILE B 142 13.40 18.17 -2.02
N THR B 143 13.68 17.11 -1.26
CA THR B 143 12.70 16.56 -0.35
C THR B 143 12.46 17.55 0.79
N SER B 144 11.19 17.79 1.06
CA SER B 144 10.76 18.75 2.07
C SER B 144 10.81 18.27 3.51
N SER B 145 10.92 19.23 4.42
CA SER B 145 10.90 18.95 5.85
C SER B 145 9.45 19.03 6.33
N TRP B 146 8.55 19.33 5.39
CA TRP B 146 7.11 19.39 5.70
C TRP B 146 6.49 18.15 5.06
N ALA B 147 5.74 17.40 5.84
CA ALA B 147 5.09 16.18 5.36
C ALA B 147 3.68 16.49 4.88
N ARG B 148 3.24 15.81 3.82
CA ARG B 148 1.87 16.03 3.35
C ARG B 148 0.97 15.45 4.45
N PHE B 149 -0.10 16.16 4.74
CA PHE B 149 -1.02 15.77 5.80
C PHE B 149 -1.66 14.38 5.74
N PRO B 150 -1.77 13.73 6.90
CA PRO B 150 -2.39 12.41 6.97
C PRO B 150 -3.84 12.56 6.51
N ALA B 151 -4.45 11.46 6.07
CA ALA B 151 -5.81 11.44 5.56
C ALA B 151 -6.91 11.78 6.56
N ASN B 152 -6.57 11.88 7.84
CA ASN B 152 -7.54 12.22 8.87
C ASN B 152 -7.16 13.55 9.52
N VAL B 153 -6.35 14.34 8.83
CA VAL B 153 -5.90 15.64 9.33
C VAL B 153 -6.41 16.75 8.41
N MET B 154 -6.19 16.59 7.11
CA MET B 154 -6.72 17.53 6.11
C MET B 154 -7.20 16.64 4.97
N PRO B 155 -8.25 17.06 4.24
CA PRO B 155 -8.79 16.27 3.12
C PRO B 155 -7.92 16.36 1.87
N GLY B 156 -6.95 15.45 1.78
CA GLY B 156 -6.01 15.44 0.67
C GLY B 156 -6.53 15.10 -0.71
N LYS B 157 -7.78 14.65 -0.81
CA LYS B 157 -8.37 14.32 -2.10
C LYS B 157 -9.15 15.52 -2.65
N ALA B 158 -9.22 16.57 -1.86
CA ALA B 158 -9.95 17.76 -2.25
C ALA B 158 -9.02 18.97 -2.39
N LYS B 159 -9.39 19.90 -3.28
CA LYS B 159 -8.61 21.11 -3.44
C LYS B 159 -9.25 22.15 -2.52
N VAL B 160 -9.00 21.98 -1.22
CA VAL B 160 -9.51 22.89 -0.19
C VAL B 160 -8.42 23.92 0.10
N GLY B 161 -8.80 25.20 0.08
CA GLY B 161 -7.86 26.28 0.31
C GLY B 161 -6.85 26.08 1.43
N GLY B 162 -7.34 25.79 2.62
CA GLY B 162 -6.45 25.61 3.76
C GLY B 162 -5.33 24.60 3.57
N ASN B 163 -5.59 23.58 2.76
CA ASN B 163 -4.59 22.54 2.49
C ASN B 163 -3.30 23.13 1.97
N TYR B 164 -3.42 24.20 1.19
CA TYR B 164 -2.24 24.77 0.55
C TYR B 164 -1.25 25.54 1.39
N VAL B 165 -1.51 25.65 2.69
CA VAL B 165 -0.54 26.27 3.58
C VAL B 165 0.63 25.28 3.60
N ASN B 166 0.30 23.99 3.59
CA ASN B 166 1.29 22.93 3.60
C ASN B 166 2.11 23.00 2.29
N SER B 167 1.43 23.19 1.17
CA SER B 167 2.10 23.29 -0.12
C SER B 167 2.98 24.54 -0.18
N ALA B 168 2.47 25.65 0.35
CA ALA B 168 3.20 26.92 0.34
C ALA B 168 4.49 26.80 1.14
N LEU B 169 4.41 26.23 2.34
CA LEU B 169 5.57 26.06 3.19
C LEU B 169 6.64 25.20 2.50
N ALA B 170 6.20 24.11 1.87
CA ALA B 170 7.12 23.22 1.17
C ALA B 170 7.75 23.89 -0.05
N LYS B 171 6.95 24.61 -0.82
CA LYS B 171 7.47 25.27 -2.01
C LYS B 171 8.49 26.36 -1.65
N MET B 172 8.19 27.16 -0.63
CA MET B 172 9.13 28.20 -0.22
C MET B 172 10.44 27.58 0.21
N GLU B 173 10.37 26.49 0.95
CA GLU B 173 11.57 25.80 1.42
C GLU B 173 12.41 25.29 0.26
N ALA B 174 11.77 24.66 -0.72
CA ALA B 174 12.47 24.14 -1.88
C ALA B 174 13.16 25.25 -2.67
N VAL B 175 12.44 26.34 -2.92
CA VAL B 175 13.01 27.45 -3.68
C VAL B 175 14.19 28.07 -2.93
N ALA B 176 14.04 28.22 -1.63
CA ALA B 176 15.10 28.80 -0.80
C ALA B 176 16.36 27.94 -0.83
N ALA B 177 16.16 26.63 -0.99
CA ALA B 177 17.27 25.69 -1.04
C ALA B 177 17.90 25.61 -2.44
N GLY B 178 17.35 26.36 -3.38
CA GLY B 178 17.89 26.37 -4.73
C GLY B 178 17.26 25.39 -5.71
N ALA B 179 16.16 24.76 -5.32
CA ALA B 179 15.48 23.80 -6.19
C ALA B 179 14.30 24.44 -6.92
N ASP B 180 13.72 23.69 -7.85
CA ASP B 180 12.58 24.17 -8.62
C ASP B 180 11.26 23.81 -7.98
N GLU B 181 11.24 22.71 -7.24
CA GLU B 181 10.02 22.24 -6.62
C GLU B 181 10.34 21.35 -5.42
N ALA B 182 9.36 21.19 -4.55
CA ALA B 182 9.54 20.36 -3.37
C ALA B 182 8.95 18.98 -3.58
N LEU B 183 9.54 18.00 -2.93
CA LEU B 183 9.04 16.64 -2.98
C LEU B 183 8.64 16.36 -1.53
N LEU B 184 7.36 16.20 -1.27
CA LEU B 184 6.90 15.95 0.09
C LEU B 184 6.74 14.46 0.35
N LEU B 185 7.07 14.06 1.57
CA LEU B 185 6.90 12.67 2.00
C LEU B 185 5.66 12.68 2.87
N ASP B 186 5.10 11.50 3.13
CA ASP B 186 3.98 11.43 4.04
C ASP B 186 4.59 11.30 5.44
N GLU B 187 3.77 11.34 6.47
CA GLU B 187 4.28 11.26 7.84
C GLU B 187 5.06 9.98 8.14
N GLU B 188 4.75 8.91 7.41
CA GLU B 188 5.43 7.63 7.59
C GLU B 188 6.79 7.57 6.92
N GLY B 189 7.08 8.56 6.07
CA GLY B 189 8.37 8.59 5.40
C GLY B 189 8.41 8.22 3.93
N TYR B 190 7.27 7.83 3.37
CA TYR B 190 7.21 7.47 1.96
C TYR B 190 6.97 8.70 1.10
N VAL B 191 7.30 8.60 -0.18
CA VAL B 191 7.09 9.72 -1.08
C VAL B 191 5.59 9.94 -1.24
N ALA B 192 5.17 11.19 -1.22
CA ALA B 192 3.76 11.55 -1.41
C ALA B 192 3.64 12.18 -2.79
N GLU B 193 3.91 13.49 -2.88
CA GLU B 193 3.85 14.20 -4.15
C GLU B 193 4.55 15.55 -4.05
N GLY B 194 4.52 16.33 -5.13
CA GLY B 194 5.13 17.64 -5.09
C GLY B 194 4.17 18.61 -4.43
N SER B 195 4.54 19.88 -4.30
CA SER B 195 3.65 20.84 -3.67
C SER B 195 2.35 21.00 -4.46
N GLY B 196 2.39 20.65 -5.74
CA GLY B 196 1.20 20.74 -6.58
C GLY B 196 1.30 19.87 -7.81
N GLU B 197 1.97 18.73 -7.68
CA GLU B 197 2.15 17.81 -8.80
C GLU B 197 2.19 16.36 -8.32
N ASN B 198 1.68 15.44 -9.14
CA ASN B 198 1.74 14.02 -8.81
C ASN B 198 3.07 13.51 -9.38
N LEU B 199 3.59 12.43 -8.81
CA LEU B 199 4.88 11.89 -9.24
C LEU B 199 4.82 10.52 -9.92
N PHE B 200 5.77 10.31 -10.83
CA PHE B 200 5.95 9.06 -11.57
C PHE B 200 7.44 8.79 -11.66
N PHE B 201 7.81 7.53 -11.86
CA PHE B 201 9.20 7.20 -12.10
C PHE B 201 9.24 6.03 -13.06
N VAL B 202 10.37 5.86 -13.74
CA VAL B 202 10.52 4.80 -14.73
C VAL B 202 11.73 3.97 -14.35
N ARG B 203 11.59 2.64 -14.41
CA ARG B 203 12.70 1.76 -14.08
C ARG B 203 12.61 0.48 -14.91
N ASP B 204 13.71 0.17 -15.58
CA ASP B 204 13.80 -1.02 -16.43
C ASP B 204 12.63 -1.16 -17.40
N GLY B 205 12.29 -0.06 -18.05
CA GLY B 205 11.20 -0.08 -19.02
C GLY B 205 9.78 0.06 -18.52
N VAL B 206 9.59 -0.06 -17.21
CA VAL B 206 8.25 0.06 -16.63
C VAL B 206 7.99 1.43 -16.04
N ILE B 207 6.79 1.96 -16.28
CA ILE B 207 6.39 3.26 -15.75
C ILE B 207 5.65 3.02 -14.44
N TYR B 208 6.10 3.70 -13.39
CA TYR B 208 5.48 3.56 -12.08
C TYR B 208 4.79 4.84 -11.64
N ALA B 209 3.47 4.76 -11.47
CA ALA B 209 2.70 5.89 -11.00
C ALA B 209 2.60 5.63 -9.50
N LEU B 210 2.62 6.69 -8.69
CA LEU B 210 2.51 6.47 -7.25
C LEU B 210 1.06 6.27 -6.85
N GLU B 211 0.84 5.45 -5.82
CA GLU B 211 -0.51 5.21 -5.35
C GLU B 211 -1.08 6.54 -4.86
N HIS B 212 -2.39 6.62 -4.73
CA HIS B 212 -3.01 7.86 -4.29
C HIS B 212 -2.64 8.29 -2.87
N SER B 213 -2.40 7.32 -1.99
CA SER B 213 -2.07 7.59 -0.59
C SER B 213 -2.79 8.84 -0.08
N VAL B 214 -2.04 9.87 0.32
CA VAL B 214 -2.64 11.11 0.83
C VAL B 214 -2.64 12.22 -0.22
N ASN B 215 -2.32 11.86 -1.46
CA ASN B 215 -2.23 12.81 -2.56
C ASN B 215 -3.56 13.11 -3.24
N LEU B 216 -3.56 14.16 -4.05
CA LEU B 216 -4.75 14.50 -4.81
C LEU B 216 -4.76 13.54 -6.01
N GLU B 217 -5.93 13.09 -6.42
CA GLU B 217 -6.03 12.19 -7.58
C GLU B 217 -5.99 13.08 -8.82
N GLY B 218 -4.78 13.32 -9.32
CA GLY B 218 -4.61 14.20 -10.46
C GLY B 218 -5.25 13.77 -11.77
N ILE B 219 -5.85 14.73 -12.45
CA ILE B 219 -6.47 14.48 -13.74
C ILE B 219 -5.35 14.37 -14.79
N THR B 220 -4.25 15.09 -14.59
CA THR B 220 -3.13 14.99 -15.53
C THR B 220 -2.49 13.61 -15.35
N ARG B 221 -2.38 13.17 -14.10
CA ARG B 221 -1.84 11.85 -13.78
C ARG B 221 -2.67 10.79 -14.52
N ASP B 222 -3.98 10.88 -14.39
CA ASP B 222 -4.89 9.95 -15.05
C ASP B 222 -4.67 9.96 -16.56
N SER B 223 -4.56 11.17 -17.12
CA SER B 223 -4.36 11.33 -18.56
C SER B 223 -3.06 10.69 -19.02
N VAL B 224 -1.99 10.92 -18.26
CA VAL B 224 -0.67 10.38 -18.60
C VAL B 224 -0.66 8.85 -18.55
N ILE B 225 -1.37 8.28 -17.59
CA ILE B 225 -1.43 6.82 -17.47
C ILE B 225 -2.14 6.25 -18.70
N ARG B 226 -3.24 6.87 -19.10
CA ARG B 226 -3.99 6.42 -20.27
C ARG B 226 -3.11 6.51 -21.50
N ILE B 227 -2.43 7.65 -21.67
CA ILE B 227 -1.55 7.86 -22.81
C ILE B 227 -0.43 6.83 -22.83
N ALA B 228 0.21 6.61 -21.68
CA ALA B 228 1.31 5.66 -21.59
C ALA B 228 0.85 4.26 -22.00
N LYS B 229 -0.30 3.85 -21.50
CA LYS B 229 -0.82 2.53 -21.85
C LYS B 229 -1.14 2.45 -23.34
N ASP B 230 -1.72 3.51 -23.88
CA ASP B 230 -2.06 3.52 -25.31
C ASP B 230 -0.80 3.42 -26.18
N LEU B 231 0.32 3.96 -25.68
CA LEU B 231 1.57 3.91 -26.43
C LEU B 231 2.26 2.55 -26.31
N GLY B 232 1.75 1.69 -25.44
CA GLY B 232 2.33 0.37 -25.28
C GLY B 232 3.17 0.15 -24.04
N TYR B 233 3.26 1.17 -23.18
CA TYR B 233 4.05 1.06 -21.96
C TYR B 233 3.32 0.28 -20.87
N GLU B 234 4.09 -0.41 -20.04
CA GLU B 234 3.53 -1.14 -18.93
C GLU B 234 3.50 -0.12 -17.79
N VAL B 235 2.35 0.00 -17.14
CA VAL B 235 2.21 0.94 -16.03
C VAL B 235 1.79 0.21 -14.76
N GLN B 236 2.53 0.44 -13.70
CA GLN B 236 2.23 -0.16 -12.40
C GLN B 236 2.04 0.97 -11.40
N VAL B 237 1.21 0.74 -10.39
CA VAL B 237 0.94 1.74 -9.36
C VAL B 237 1.50 1.19 -8.06
N VAL B 238 2.41 1.94 -7.45
CA VAL B 238 3.09 1.50 -6.24
C VAL B 238 3.35 2.59 -5.23
N ARG B 239 3.76 2.17 -4.04
CA ARG B 239 4.16 3.11 -3.00
C ARG B 239 5.67 3.18 -3.22
N ALA B 240 6.27 4.34 -3.02
CA ALA B 240 7.70 4.49 -3.25
C ALA B 240 8.44 5.26 -2.17
N THR B 241 9.74 4.98 -2.07
CA THR B 241 10.62 5.66 -1.12
C THR B 241 11.51 6.62 -1.91
N ARG B 242 12.12 7.58 -1.21
CA ARG B 242 12.99 8.55 -1.86
C ARG B 242 14.14 7.86 -2.60
N ASP B 243 14.69 6.80 -2.02
CA ASP B 243 15.80 6.14 -2.70
C ASP B 243 15.39 5.25 -3.87
N GLN B 244 14.10 4.96 -4.01
CA GLN B 244 13.66 4.22 -5.18
C GLN B 244 13.68 5.24 -6.32
N LEU B 245 13.38 6.50 -6.01
CA LEU B 245 13.42 7.55 -7.04
C LEU B 245 14.87 7.87 -7.40
N TYR B 246 15.76 7.90 -6.41
CA TYR B 246 17.17 8.19 -6.67
C TYR B 246 17.77 7.25 -7.71
N MET B 247 17.34 5.99 -7.67
CA MET B 247 17.87 4.99 -8.59
C MET B 247 17.01 4.70 -9.81
N ALA B 248 15.97 5.51 -10.01
CA ALA B 248 15.10 5.31 -11.16
C ALA B 248 15.82 5.75 -12.45
N ASP B 249 15.38 5.24 -13.58
CA ASP B 249 15.97 5.64 -14.84
C ASP B 249 15.45 7.05 -15.18
N GLU B 250 14.21 7.31 -14.79
CA GLU B 250 13.58 8.60 -15.02
C GLU B 250 12.56 8.89 -13.93
N VAL B 251 12.30 10.17 -13.72
CA VAL B 251 11.29 10.64 -12.78
C VAL B 251 10.61 11.81 -13.47
N PHE B 252 9.30 11.94 -13.30
CA PHE B 252 8.60 13.09 -13.86
C PHE B 252 7.37 13.40 -13.03
N MET B 253 6.86 14.61 -13.17
CA MET B 253 5.68 14.99 -12.42
C MET B 253 4.60 15.52 -13.34
N THR B 254 3.36 15.44 -12.87
CA THR B 254 2.22 15.88 -13.67
C THR B 254 1.28 16.80 -12.89
N GLY B 255 0.61 17.68 -13.63
CA GLY B 255 -0.34 18.60 -13.03
C GLY B 255 -0.89 19.47 -14.14
N THR B 256 -2.03 20.12 -13.91
CA THR B 256 -2.60 20.96 -14.96
C THR B 256 -1.61 22.05 -15.36
N ALA B 257 -1.04 22.73 -14.37
CA ALA B 257 -0.07 23.79 -14.64
C ALA B 257 1.27 23.21 -15.06
N ALA B 258 1.68 22.10 -14.44
CA ALA B 258 2.96 21.47 -14.74
C ALA B 258 2.99 20.57 -15.98
N GLU B 259 1.83 20.26 -16.54
CA GLU B 259 1.74 19.39 -17.70
C GLU B 259 2.53 18.13 -17.36
N VAL B 260 3.48 17.73 -18.19
CA VAL B 260 4.33 16.57 -17.89
C VAL B 260 5.74 17.16 -17.81
N THR B 261 6.30 17.21 -16.61
CA THR B 261 7.61 17.80 -16.41
C THR B 261 8.67 16.81 -15.94
N PRO B 262 9.72 16.59 -16.76
CA PRO B 262 10.78 15.65 -16.39
C PRO B 262 11.54 16.19 -15.18
N VAL B 263 11.99 15.27 -14.32
CA VAL B 263 12.76 15.62 -13.13
C VAL B 263 14.14 15.01 -13.32
N SER B 264 15.17 15.84 -13.35
CA SER B 264 16.52 15.37 -13.60
C SER B 264 17.40 15.20 -12.37
N MET B 265 16.94 15.70 -11.23
CA MET B 265 17.74 15.61 -10.01
C MET B 265 16.86 15.75 -8.77
N ILE B 266 17.16 14.97 -7.74
CA ILE B 266 16.43 15.03 -6.48
C ILE B 266 17.48 15.03 -5.38
N ASP B 267 17.40 16.01 -4.48
CA ASP B 267 18.35 16.12 -3.38
C ASP B 267 19.80 16.07 -3.88
N TRP B 268 20.07 16.83 -4.94
CA TRP B 268 21.40 16.93 -5.53
C TRP B 268 21.97 15.63 -6.07
N ARG B 269 21.10 14.65 -6.26
CA ARG B 269 21.51 13.36 -6.79
C ARG B 269 20.86 13.26 -8.18
N PRO B 270 21.68 13.10 -9.22
CA PRO B 270 21.13 13.00 -10.58
C PRO B 270 20.27 11.78 -10.80
N ILE B 271 19.20 11.96 -11.57
CA ILE B 271 18.31 10.85 -11.89
C ILE B 271 18.71 10.34 -13.27
N GLY B 272 19.11 9.07 -13.32
CA GLY B 272 19.52 8.50 -14.60
C GLY B 272 20.65 9.29 -15.23
N LYS B 273 20.45 9.71 -16.48
CA LYS B 273 21.46 10.45 -17.21
C LYS B 273 21.69 11.89 -16.72
N GLY B 274 20.84 12.37 -15.81
CA GLY B 274 21.03 13.73 -15.32
C GLY B 274 20.31 14.80 -16.11
N THR B 275 19.53 14.37 -17.11
CA THR B 275 18.73 15.28 -17.93
C THR B 275 17.42 14.54 -18.15
N ALA B 276 16.47 15.15 -18.82
CA ALA B 276 15.20 14.50 -19.10
C ALA B 276 15.48 13.24 -19.92
N GLY B 277 14.67 12.21 -19.69
CA GLY B 277 14.83 10.96 -20.42
C GLY B 277 13.83 10.86 -21.57
N PRO B 278 13.99 9.87 -22.44
CA PRO B 278 13.09 9.69 -23.59
C PRO B 278 11.63 9.39 -23.28
N VAL B 279 11.36 8.64 -22.21
CA VAL B 279 9.98 8.31 -21.88
C VAL B 279 9.18 9.55 -21.46
N ALA B 280 9.72 10.32 -20.53
CA ALA B 280 9.03 11.53 -20.07
C ALA B 280 8.85 12.51 -21.22
N LEU B 281 9.87 12.66 -22.06
CA LEU B 281 9.78 13.59 -23.17
C LEU B 281 8.73 13.15 -24.19
N ARG B 282 8.61 11.84 -24.39
CA ARG B 282 7.62 11.32 -25.33
C ARG B 282 6.21 11.50 -24.76
N LEU B 283 6.04 11.20 -23.47
CA LEU B 283 4.73 11.37 -22.84
C LEU B 283 4.30 12.83 -22.85
N ARG B 284 5.25 13.74 -22.62
CA ARG B 284 4.93 15.16 -22.62
C ARG B 284 4.45 15.56 -24.01
N GLU B 285 5.16 15.10 -25.05
CA GLU B 285 4.79 15.44 -26.40
C GLU B 285 3.39 14.96 -26.77
N VAL B 286 3.09 13.70 -26.45
CA VAL B 286 1.77 13.17 -26.78
C VAL B 286 0.69 13.87 -25.96
N TYR B 287 0.99 14.19 -24.71
CA TYR B 287 0.03 14.89 -23.88
C TYR B 287 -0.27 16.27 -24.48
N LEU B 288 0.76 16.97 -24.91
CA LEU B 288 0.57 18.29 -25.51
C LEU B 288 -0.22 18.18 -26.82
N GLU B 289 0.04 17.12 -27.57
CA GLU B 289 -0.69 16.90 -28.82
C GLU B 289 -2.17 16.69 -28.50
N ALA B 290 -2.44 15.99 -27.41
CA ALA B 290 -3.81 15.71 -26.99
C ALA B 290 -4.56 16.96 -26.55
N VAL B 291 -3.96 17.74 -25.64
CA VAL B 291 -4.64 18.92 -25.14
C VAL B 291 -4.81 20.03 -26.18
N THR B 292 -3.98 20.02 -27.22
CA THR B 292 -4.09 21.05 -28.27
C THR B 292 -4.88 20.57 -29.49
N GLY B 293 -5.64 19.49 -29.31
CA GLY B 293 -6.48 18.96 -30.38
C GLY B 293 -5.82 18.36 -31.62
N ARG B 294 -4.68 17.71 -31.44
CA ARG B 294 -3.98 17.11 -32.57
C ARG B 294 -4.08 15.58 -32.53
N ARG B 295 -4.82 15.07 -31.55
CA ARG B 295 -5.02 13.64 -31.38
C ARG B 295 -6.49 13.25 -31.43
N PRO B 296 -6.95 12.72 -32.57
CA PRO B 296 -8.34 12.31 -32.72
C PRO B 296 -8.84 11.37 -31.62
N GLU B 297 -7.99 10.45 -31.21
CA GLU B 297 -8.36 9.48 -30.18
C GLU B 297 -8.61 10.10 -28.80
N TYR B 298 -8.16 11.34 -28.60
CA TYR B 298 -8.35 12.01 -27.31
C TYR B 298 -9.26 13.22 -27.38
N GLU B 299 -9.94 13.40 -28.52
CA GLU B 299 -10.84 14.54 -28.67
C GLU B 299 -11.98 14.53 -27.64
N GLY B 300 -12.30 13.36 -27.11
CA GLY B 300 -13.36 13.26 -26.13
C GLY B 300 -13.04 14.01 -24.85
N TRP B 301 -11.76 14.33 -24.65
CA TRP B 301 -11.31 15.05 -23.47
C TRP B 301 -11.43 16.56 -23.63
N LEU B 302 -11.69 17.01 -24.85
CA LEU B 302 -11.76 18.44 -25.13
C LEU B 302 -13.15 19.03 -25.30
N THR B 303 -13.33 20.24 -24.78
CA THR B 303 -14.58 20.97 -24.89
C THR B 303 -14.25 22.27 -25.61
N TYR B 304 -14.68 22.38 -26.87
CA TYR B 304 -14.41 23.57 -27.66
C TYR B 304 -15.35 24.70 -27.29
N VAL B 305 -14.78 25.85 -26.93
CA VAL B 305 -15.56 27.02 -26.54
C VAL B 305 -16.34 27.60 -27.71
N ASN B 306 -15.79 27.48 -28.92
CA ASN B 306 -16.46 27.99 -30.11
C ASN B 306 -17.08 26.85 -30.90
N ILE C 3 38.71 -15.30 8.36
CA ILE C 3 38.14 -15.49 6.99
C ILE C 3 39.25 -15.84 6.00
N LYS C 4 39.04 -16.90 5.23
CA LYS C 4 40.03 -17.33 4.24
C LYS C 4 39.72 -16.68 2.91
N ALA C 5 40.10 -15.41 2.77
CA ALA C 5 39.84 -14.66 1.56
C ALA C 5 40.95 -14.76 0.52
N GLY C 6 42.20 -14.83 0.97
CA GLY C 6 43.30 -14.91 0.04
C GLY C 6 43.58 -13.57 -0.60
N LEU C 7 43.77 -13.55 -1.92
CA LEU C 7 44.05 -12.33 -2.64
C LEU C 7 42.84 -11.42 -2.71
N ILE C 8 43.01 -10.18 -2.27
CA ILE C 8 41.93 -9.19 -2.26
C ILE C 8 42.25 -8.02 -3.20
N TRP C 9 41.27 -7.61 -3.99
CA TRP C 9 41.44 -6.50 -4.91
C TRP C 9 41.31 -5.21 -4.09
N MET C 10 42.36 -4.40 -4.09
CA MET C 10 42.37 -3.15 -3.33
C MET C 10 42.61 -1.95 -4.24
N ASN C 11 41.55 -1.18 -4.47
CA ASN C 11 41.61 0.02 -5.31
C ASN C 11 42.46 -0.11 -6.58
N GLY C 12 42.22 -1.17 -7.36
CA GLY C 12 42.95 -1.33 -8.60
C GLY C 12 43.93 -2.49 -8.73
N ALA C 13 44.36 -3.06 -7.61
CA ALA C 13 45.31 -4.17 -7.67
C ALA C 13 45.12 -5.19 -6.57
N PHE C 14 45.43 -6.45 -6.87
CA PHE C 14 45.29 -7.52 -5.89
C PHE C 14 46.48 -7.54 -4.94
N VAL C 15 46.19 -7.81 -3.67
CA VAL C 15 47.21 -7.87 -2.63
C VAL C 15 46.86 -9.00 -1.66
N PRO C 16 47.86 -9.52 -0.94
CA PRO C 16 47.59 -10.58 0.01
C PRO C 16 46.62 -10.08 1.08
N GLN C 17 45.80 -10.97 1.61
CA GLN C 17 44.83 -10.60 2.63
C GLN C 17 45.41 -9.74 3.75
N GLU C 18 46.59 -10.12 4.23
CA GLU C 18 47.23 -9.39 5.32
C GLU C 18 47.54 -7.93 4.98
N GLU C 19 47.65 -7.61 3.70
CA GLU C 19 47.95 -6.25 3.27
C GLU C 19 46.67 -5.45 3.01
N ALA C 20 45.53 -6.12 3.01
CA ALA C 20 44.25 -5.47 2.76
C ALA C 20 43.74 -4.83 4.05
N LYS C 21 44.34 -3.71 4.42
CA LYS C 21 43.95 -2.99 5.63
C LYS C 21 43.72 -1.52 5.33
N THR C 22 43.01 -0.85 6.23
CA THR C 22 42.72 0.56 6.06
C THR C 22 42.88 1.29 7.40
N SER C 23 43.12 2.58 7.35
CA SER C 23 43.30 3.37 8.58
C SER C 23 42.13 3.26 9.55
N VAL C 24 42.43 3.22 10.84
CA VAL C 24 41.38 3.15 11.85
C VAL C 24 40.70 4.51 11.97
N LEU C 25 41.19 5.48 11.20
CA LEU C 25 40.60 6.81 11.19
C LEU C 25 39.70 6.96 9.97
N SER C 26 39.41 5.85 9.30
CA SER C 26 38.53 5.86 8.15
C SER C 26 37.12 6.24 8.58
N HIS C 27 36.55 7.20 7.87
CA HIS C 27 35.21 7.71 8.13
C HIS C 27 34.20 6.57 8.33
N ALA C 28 34.22 5.59 7.44
CA ALA C 28 33.28 4.47 7.51
C ALA C 28 33.39 3.62 8.77
N LEU C 29 34.56 3.58 9.39
CA LEU C 29 34.73 2.79 10.60
C LEU C 29 34.10 3.50 11.80
N HIS C 30 33.92 4.81 11.68
CA HIS C 30 33.33 5.60 12.76
C HIS C 30 31.87 5.96 12.55
N TYR C 31 31.48 6.11 11.28
CA TYR C 31 30.13 6.57 10.96
C TYR C 31 29.27 5.71 10.04
N GLY C 32 29.69 4.47 9.76
CA GLY C 32 28.91 3.57 8.92
C GLY C 32 28.75 3.93 7.45
N THR C 33 29.60 4.84 6.98
CA THR C 33 29.55 5.33 5.61
C THR C 33 30.24 4.44 4.57
N SER C 34 29.69 3.25 4.36
CA SER C 34 30.21 2.31 3.38
C SER C 34 29.03 1.69 2.66
N VAL C 35 29.30 1.07 1.52
CA VAL C 35 28.26 0.37 0.77
C VAL C 35 28.87 -0.96 0.35
N PHE C 36 28.05 -2.00 0.25
CA PHE C 36 28.57 -3.29 -0.13
C PHE C 36 27.57 -4.10 -0.91
N GLU C 37 28.01 -5.24 -1.40
CA GLU C 37 27.16 -6.14 -2.13
C GLU C 37 27.45 -7.56 -1.69
N GLY C 38 26.53 -8.46 -2.00
CA GLY C 38 26.69 -9.87 -1.69
C GLY C 38 26.44 -10.55 -3.01
N ILE C 39 27.44 -11.22 -3.54
CA ILE C 39 27.32 -11.89 -4.83
C ILE C 39 27.83 -13.31 -4.73
N ARG C 40 27.17 -14.24 -5.41
CA ARG C 40 27.62 -15.61 -5.36
C ARG C 40 28.03 -16.19 -6.70
N ALA C 41 28.98 -17.10 -6.64
CA ALA C 41 29.45 -17.81 -7.81
C ALA C 41 29.14 -19.27 -7.47
N TYR C 42 28.60 -20.00 -8.43
CA TYR C 42 28.28 -21.42 -8.22
C TYR C 42 29.04 -22.23 -9.26
N GLU C 43 29.39 -23.46 -8.90
CA GLU C 43 30.10 -24.32 -9.82
C GLU C 43 29.11 -24.91 -10.82
N THR C 44 29.50 -24.90 -12.09
CA THR C 44 28.67 -25.46 -13.15
C THR C 44 29.53 -26.43 -13.94
N ALA C 45 28.94 -27.08 -14.94
CA ALA C 45 29.67 -28.03 -15.77
C ALA C 45 30.71 -27.28 -16.59
N LYS C 46 30.53 -25.97 -16.71
CA LYS C 46 31.45 -25.12 -17.48
C LYS C 46 32.24 -24.19 -16.57
N GLY C 47 32.48 -24.62 -15.34
CA GLY C 47 33.24 -23.81 -14.40
C GLY C 47 32.37 -22.88 -13.57
N PRO C 48 32.98 -22.04 -12.72
CA PRO C 48 32.26 -21.11 -11.86
C PRO C 48 31.44 -20.09 -12.65
N ALA C 49 30.22 -19.82 -12.17
CA ALA C 49 29.35 -18.85 -12.82
C ALA C 49 28.83 -17.89 -11.75
N ILE C 50 29.03 -16.60 -11.98
CA ILE C 50 28.58 -15.57 -11.06
C ILE C 50 27.11 -15.29 -11.38
N PHE C 51 26.27 -15.24 -10.34
CA PHE C 51 24.85 -15.02 -10.54
C PHE C 51 24.43 -13.55 -10.56
N ARG C 52 23.84 -13.14 -11.68
CA ARG C 52 23.35 -11.79 -11.90
C ARG C 52 24.34 -10.70 -11.48
N LEU C 53 25.55 -10.82 -12.02
CA LEU C 53 26.63 -9.89 -11.73
C LEU C 53 26.32 -8.43 -12.02
N LYS C 54 25.85 -8.15 -13.23
CA LYS C 54 25.54 -6.77 -13.58
C LYS C 54 24.46 -6.14 -12.73
N GLU C 55 23.48 -6.93 -12.31
CA GLU C 55 22.41 -6.39 -11.48
C GLU C 55 22.99 -6.00 -10.12
N HIS C 56 23.89 -6.82 -9.59
CA HIS C 56 24.53 -6.52 -8.31
C HIS C 56 25.44 -5.31 -8.41
N VAL C 57 26.18 -5.21 -9.51
CA VAL C 57 27.09 -4.06 -9.67
C VAL C 57 26.27 -2.78 -9.81
N LYS C 58 25.14 -2.86 -10.51
CA LYS C 58 24.29 -1.68 -10.66
C LYS C 58 23.81 -1.21 -9.29
N ARG C 59 23.40 -2.15 -8.44
CA ARG C 59 22.92 -1.77 -7.12
C ARG C 59 24.03 -1.18 -6.26
N PHE C 60 25.25 -1.68 -6.45
CA PHE C 60 26.42 -1.20 -5.71
C PHE C 60 26.58 0.30 -5.99
N TYR C 61 26.55 0.68 -7.26
CA TYR C 61 26.69 2.09 -7.63
C TYR C 61 25.47 2.88 -7.19
N ASN C 62 24.29 2.25 -7.22
CA ASN C 62 23.07 2.92 -6.78
C ASN C 62 23.17 3.22 -5.27
N SER C 63 23.69 2.26 -4.51
CA SER C 63 23.85 2.47 -3.07
C SER C 63 24.81 3.64 -2.82
N ALA C 64 25.87 3.70 -3.62
CA ALA C 64 26.84 4.78 -3.47
C ALA C 64 26.18 6.14 -3.72
N LYS C 65 25.31 6.21 -4.72
CA LYS C 65 24.64 7.48 -5.02
C LYS C 65 23.82 7.98 -3.85
N VAL C 66 23.21 7.06 -3.11
CA VAL C 66 22.41 7.46 -1.96
C VAL C 66 23.24 8.25 -0.95
N LEU C 67 24.50 7.87 -0.79
CA LEU C 67 25.39 8.55 0.15
C LEU C 67 26.20 9.65 -0.53
N ARG C 68 25.95 9.87 -1.82
CA ARG C 68 26.68 10.87 -2.60
C ARG C 68 28.16 10.50 -2.57
N MET C 69 28.39 9.19 -2.53
CA MET C 69 29.72 8.61 -2.50
C MET C 69 30.20 8.42 -3.94
N GLU C 70 31.45 8.82 -4.19
CA GLU C 70 32.01 8.67 -5.53
C GLU C 70 32.89 7.42 -5.62
N ILE C 71 32.53 6.52 -6.52
CA ILE C 71 33.32 5.29 -6.72
C ILE C 71 34.25 5.63 -7.89
N PRO C 72 35.57 5.72 -7.61
CA PRO C 72 36.58 6.05 -8.63
C PRO C 72 36.93 4.98 -9.67
N PHE C 73 35.96 4.14 -10.01
CA PHE C 73 36.18 3.09 -11.01
C PHE C 73 34.92 2.92 -11.84
N ALA C 74 35.08 2.53 -13.10
CA ALA C 74 33.94 2.32 -13.97
C ALA C 74 33.34 0.96 -13.64
N PRO C 75 32.01 0.81 -13.78
CA PRO C 75 31.36 -0.47 -13.48
C PRO C 75 32.07 -1.65 -14.15
N GLU C 76 32.51 -1.45 -15.38
CA GLU C 76 33.20 -2.48 -16.13
C GLU C 76 34.49 -2.93 -15.44
N GLU C 77 35.16 -1.99 -14.76
CA GLU C 77 36.39 -2.32 -14.05
C GLU C 77 36.07 -3.19 -12.83
N LEU C 78 35.02 -2.84 -12.10
CA LEU C 78 34.63 -3.60 -10.92
C LEU C 78 34.18 -5.00 -11.32
N GLU C 79 33.48 -5.07 -12.45
CA GLU C 79 33.00 -6.37 -12.94
C GLU C 79 34.19 -7.27 -13.23
N GLU C 80 35.24 -6.70 -13.82
CA GLU C 80 36.44 -7.47 -14.13
C GLU C 80 37.14 -7.89 -12.84
N ALA C 81 37.16 -7.00 -11.86
CA ALA C 81 37.79 -7.29 -10.58
C ALA C 81 37.07 -8.45 -9.88
N ILE C 82 35.74 -8.43 -9.97
CA ILE C 82 34.94 -9.48 -9.36
C ILE C 82 35.19 -10.83 -10.03
N LYS C 83 35.34 -10.83 -11.36
CA LYS C 83 35.62 -12.07 -12.07
C LYS C 83 37.01 -12.55 -11.67
N GLU C 84 37.94 -11.60 -11.55
CA GLU C 84 39.32 -11.93 -11.20
C GLU C 84 39.52 -12.41 -9.76
N VAL C 85 38.71 -11.92 -8.82
CA VAL C 85 38.88 -12.37 -7.44
C VAL C 85 38.52 -13.86 -7.36
N VAL C 86 37.67 -14.31 -8.26
CA VAL C 86 37.28 -15.71 -8.29
C VAL C 86 38.41 -16.51 -8.95
N ARG C 87 38.84 -16.06 -10.13
CA ARG C 87 39.90 -16.73 -10.88
C ARG C 87 41.24 -16.84 -10.15
N ARG C 88 41.78 -15.69 -9.73
CA ARG C 88 43.06 -15.65 -9.05
C ARG C 88 43.15 -16.47 -7.77
N ASN C 89 42.02 -16.71 -7.13
CA ASN C 89 42.01 -17.48 -5.90
C ASN C 89 41.60 -18.94 -6.15
N GLY C 90 41.30 -19.25 -7.41
CA GLY C 90 40.92 -20.60 -7.76
C GLY C 90 39.62 -21.08 -7.14
N TYR C 91 38.70 -20.14 -6.90
CA TYR C 91 37.40 -20.46 -6.31
C TYR C 91 36.44 -21.07 -7.33
N ARG C 92 35.49 -21.84 -6.83
CA ARG C 92 34.46 -22.46 -7.68
C ARG C 92 33.12 -21.98 -7.14
N SER C 93 32.78 -22.39 -5.93
CA SER C 93 31.54 -21.96 -5.28
C SER C 93 32.00 -21.01 -4.18
N CYS C 94 31.71 -19.72 -4.36
CA CYS C 94 32.17 -18.74 -3.38
C CYS C 94 31.22 -17.56 -3.19
N TYR C 95 31.47 -16.79 -2.13
CA TYR C 95 30.70 -15.60 -1.82
C TYR C 95 31.63 -14.43 -2.14
N ILE C 96 31.14 -13.45 -2.87
CA ILE C 96 31.94 -12.29 -3.26
C ILE C 96 31.41 -11.05 -2.55
N ARG C 97 32.32 -10.30 -1.92
CA ARG C 97 31.95 -9.12 -1.17
C ARG C 97 32.65 -7.83 -1.59
N PRO C 98 32.02 -7.06 -2.50
CA PRO C 98 32.60 -5.79 -2.95
C PRO C 98 32.26 -4.78 -1.84
N LEU C 99 33.17 -3.85 -1.57
CA LEU C 99 32.94 -2.84 -0.53
C LEU C 99 33.56 -1.52 -0.92
N ALA C 100 32.81 -0.45 -0.76
CA ALA C 100 33.30 0.90 -1.04
C ALA C 100 33.10 1.65 0.28
N TRP C 101 34.13 2.32 0.77
CA TRP C 101 34.01 3.02 2.03
C TRP C 101 34.71 4.38 2.04
N MET C 102 34.20 5.28 2.88
CA MET C 102 34.80 6.60 3.00
C MET C 102 36.06 6.46 3.85
N GLY C 103 37.16 7.01 3.34
CA GLY C 103 38.44 6.92 4.01
C GLY C 103 38.77 7.86 5.15
N ALA C 104 40.07 7.98 5.42
CA ALA C 104 40.57 8.80 6.53
C ALA C 104 41.01 10.23 6.25
N LYS C 105 40.47 10.89 5.24
CA LYS C 105 40.86 12.27 4.97
C LYS C 105 40.44 13.22 6.09
N ALA C 106 39.29 12.93 6.70
CA ALA C 106 38.76 13.75 7.79
C ALA C 106 37.70 12.98 8.55
N LEU C 107 37.34 13.45 9.74
CA LEU C 107 36.32 12.79 10.52
C LEU C 107 35.11 13.65 10.90
N GLY C 108 34.80 14.62 10.04
CA GLY C 108 33.63 15.43 10.28
C GLY C 108 32.51 14.48 9.87
N VAL C 109 31.31 14.63 10.41
CA VAL C 109 30.22 13.72 10.05
C VAL C 109 29.91 13.76 8.55
N ASN C 110 30.02 14.93 7.94
CA ASN C 110 29.79 15.08 6.51
C ASN C 110 30.89 14.29 5.79
N PRO C 111 30.52 13.30 4.95
CA PRO C 111 31.52 12.49 4.24
C PRO C 111 32.01 13.03 2.90
N LEU C 112 31.39 14.09 2.39
CA LEU C 112 31.80 14.64 1.10
C LEU C 112 33.29 14.98 0.99
N PRO C 113 33.88 15.57 2.04
CA PRO C 113 35.30 15.90 1.96
C PRO C 113 36.20 14.65 1.83
N ASN C 114 35.62 13.49 2.10
CA ASN C 114 36.38 12.24 2.04
C ASN C 114 36.39 11.56 0.68
N ASN C 115 35.58 12.04 -0.26
CA ASN C 115 35.54 11.44 -1.59
C ASN C 115 36.88 11.61 -2.31
N PRO C 116 37.21 10.68 -3.22
CA PRO C 116 36.39 9.51 -3.59
C PRO C 116 36.56 8.36 -2.60
N ALA C 117 35.61 7.43 -2.64
CA ALA C 117 35.65 6.29 -1.75
C ALA C 117 36.76 5.32 -2.12
N GLU C 118 37.17 4.52 -1.16
CA GLU C 118 38.18 3.50 -1.38
C GLU C 118 37.33 2.28 -1.72
N VAL C 119 37.87 1.35 -2.51
CA VAL C 119 37.11 0.19 -2.92
C VAL C 119 37.92 -1.10 -2.86
N MET C 120 37.27 -2.18 -2.46
CA MET C 120 37.94 -3.48 -2.39
C MET C 120 36.95 -4.57 -2.74
N VAL C 121 37.47 -5.70 -3.21
CA VAL C 121 36.63 -6.84 -3.54
C VAL C 121 37.31 -8.07 -2.97
N ALA C 122 36.61 -8.78 -2.10
CA ALA C 122 37.12 -9.98 -1.48
C ALA C 122 36.13 -11.11 -1.74
N ALA C 123 36.60 -12.34 -1.62
CA ALA C 123 35.74 -13.50 -1.81
C ALA C 123 36.30 -14.66 -1.01
N TRP C 124 35.42 -15.61 -0.70
CA TRP C 124 35.82 -16.80 0.04
C TRP C 124 34.93 -17.95 -0.35
N GLU C 125 35.49 -19.16 -0.32
CA GLU C 125 34.72 -20.34 -0.71
C GLU C 125 33.48 -20.50 0.16
N TRP C 126 32.40 -20.95 -0.47
CA TRP C 126 31.13 -21.14 0.22
C TRP C 126 30.94 -22.59 0.63
N LYS C 137 14.36 -28.89 7.43
CA LYS C 137 13.38 -28.79 8.55
C LYS C 137 12.68 -27.44 8.55
N GLY C 138 13.34 -26.45 7.94
CA GLY C 138 12.78 -25.12 7.89
C GLY C 138 13.35 -24.24 8.98
N ALA C 139 13.50 -22.95 8.69
CA ALA C 139 14.04 -22.01 9.67
C ALA C 139 12.96 -21.59 10.64
N ARG C 140 13.37 -21.28 11.87
CA ARG C 140 12.45 -20.82 12.90
C ARG C 140 12.72 -19.34 13.08
N LEU C 141 11.68 -18.53 12.98
CA LEU C 141 11.81 -17.09 13.13
C LEU C 141 11.09 -16.58 14.37
N ILE C 142 11.52 -15.43 14.85
CA ILE C 142 10.85 -14.77 15.97
C ILE C 142 10.78 -13.32 15.55
N THR C 143 9.62 -12.71 15.77
CA THR C 143 9.43 -11.31 15.41
C THR C 143 10.27 -10.46 16.35
N SER C 144 11.03 -9.54 15.76
CA SER C 144 11.93 -8.68 16.51
C SER C 144 11.28 -7.51 17.22
N SER C 145 11.95 -7.03 18.26
CA SER C 145 11.50 -5.87 19.01
C SER C 145 12.15 -4.62 18.38
N TRP C 146 12.95 -4.83 17.32
CA TRP C 146 13.57 -3.73 16.59
C TRP C 146 12.83 -3.63 15.27
N ALA C 147 12.37 -2.43 14.94
CA ALA C 147 11.64 -2.22 13.69
C ALA C 147 12.58 -1.81 12.57
N ARG C 148 12.31 -2.26 11.35
CA ARG C 148 13.16 -1.84 10.25
C ARG C 148 12.90 -0.35 10.08
N PHE C 149 13.96 0.40 9.82
CA PHE C 149 13.88 1.84 9.68
C PHE C 149 12.95 2.43 8.64
N PRO C 150 12.25 3.52 9.01
CA PRO C 150 11.34 4.19 8.09
C PRO C 150 12.18 4.68 6.90
N ALA C 151 11.51 4.89 5.76
CA ALA C 151 12.15 5.31 4.53
C ALA C 151 12.79 6.70 4.54
N ASN C 152 12.57 7.45 5.61
CA ASN C 152 13.15 8.79 5.74
C ASN C 152 14.08 8.84 6.95
N VAL C 153 14.51 7.66 7.42
CA VAL C 153 15.42 7.56 8.57
C VAL C 153 16.75 6.96 8.11
N MET C 154 16.70 5.85 7.40
CA MET C 154 17.89 5.21 6.84
C MET C 154 17.46 4.78 5.44
N PRO C 155 18.39 4.77 4.46
CA PRO C 155 18.06 4.37 3.09
C PRO C 155 17.92 2.86 2.94
N GLY C 156 16.71 2.37 3.14
CA GLY C 156 16.43 0.95 3.07
C GLY C 156 16.54 0.25 1.74
N LYS C 157 16.73 1.01 0.66
CA LYS C 157 16.85 0.42 -0.67
C LYS C 157 18.32 0.23 -1.04
N ALA C 158 19.21 0.67 -0.14
CA ALA C 158 20.63 0.58 -0.39
C ALA C 158 21.31 -0.29 0.66
N LYS C 159 22.42 -0.92 0.28
CA LYS C 159 23.17 -1.74 1.22
C LYS C 159 24.26 -0.83 1.80
N VAL C 160 23.83 0.06 2.68
CA VAL C 160 24.72 1.01 3.36
C VAL C 160 25.13 0.39 4.69
N GLY C 161 26.43 0.38 4.96
CA GLY C 161 26.94 -0.22 6.17
C GLY C 161 26.18 0.07 7.46
N GLY C 162 25.98 1.36 7.74
CA GLY C 162 25.28 1.76 8.95
C GLY C 162 23.92 1.11 9.15
N ASN C 163 23.24 0.83 8.05
CA ASN C 163 21.92 0.20 8.10
C ASN C 163 21.95 -1.10 8.89
N TYR C 164 23.07 -1.81 8.80
CA TYR C 164 23.14 -3.11 9.43
C TYR C 164 23.28 -3.22 10.94
N VAL C 165 23.30 -2.08 11.61
CA VAL C 165 23.30 -2.07 13.06
C VAL C 165 21.90 -2.57 13.43
N ASN C 166 20.90 -2.13 12.66
CA ASN C 166 19.51 -2.54 12.88
C ASN C 166 19.40 -4.05 12.65
N SER C 167 19.99 -4.54 11.56
CA SER C 167 19.97 -5.98 11.26
C SER C 167 20.71 -6.78 12.33
N ALA C 168 21.85 -6.27 12.77
CA ALA C 168 22.64 -6.94 13.80
C ALA C 168 21.88 -7.07 15.12
N LEU C 169 21.23 -6.00 15.55
CA LEU C 169 20.46 -6.02 16.79
C LEU C 169 19.34 -7.05 16.70
N ALA C 170 18.63 -7.07 15.57
CA ALA C 170 17.53 -7.99 15.40
C ALA C 170 18.02 -9.44 15.35
N LYS C 171 19.11 -9.68 14.62
CA LYS C 171 19.65 -11.03 14.51
C LYS C 171 20.11 -11.57 15.86
N MET C 172 20.83 -10.75 16.62
CA MET C 172 21.29 -11.18 17.94
C MET C 172 20.12 -11.54 18.82
N GLU C 173 19.07 -10.73 18.78
CA GLU C 173 17.88 -10.96 19.58
C GLU C 173 17.23 -12.29 19.22
N ALA C 174 17.11 -12.56 17.92
CA ALA C 174 16.49 -13.80 17.46
C ALA C 174 17.28 -15.02 17.91
N VAL C 175 18.59 -14.96 17.73
CA VAL C 175 19.45 -16.08 18.12
C VAL C 175 19.41 -16.29 19.63
N ALA C 176 19.43 -15.21 20.39
CA ALA C 176 19.40 -15.31 21.85
C ALA C 176 18.08 -15.92 22.33
N ALA C 177 17.02 -15.69 21.57
CA ALA C 177 15.70 -16.21 21.91
C ALA C 177 15.53 -17.68 21.50
N GLY C 178 16.55 -18.22 20.82
CA GLY C 178 16.49 -19.60 20.39
C GLY C 178 16.05 -19.84 18.96
N ALA C 179 15.92 -18.77 18.18
CA ALA C 179 15.48 -18.89 16.79
C ALA C 179 16.68 -18.83 15.84
N ASP C 180 16.41 -19.02 14.55
CA ASP C 180 17.46 -18.99 13.52
C ASP C 180 17.60 -17.62 12.89
N GLU C 181 16.48 -16.90 12.83
CA GLU C 181 16.49 -15.59 12.18
C GLU C 181 15.39 -14.70 12.74
N ALA C 182 15.55 -13.41 12.54
CA ALA C 182 14.59 -12.43 13.02
C ALA C 182 13.66 -11.99 11.91
N LEU C 183 12.42 -11.67 12.29
CA LEU C 183 11.43 -11.17 11.37
C LEU C 183 11.17 -9.75 11.88
N LEU C 184 11.54 -8.74 11.10
CA LEU C 184 11.32 -7.36 11.53
C LEU C 184 10.04 -6.78 10.96
N LEU C 185 9.37 -5.99 11.77
CA LEU C 185 8.16 -5.31 11.37
C LEU C 185 8.58 -3.87 11.08
N ASP C 186 7.75 -3.11 10.39
CA ASP C 186 8.07 -1.70 10.17
C ASP C 186 7.51 -0.96 11.39
N GLU C 187 7.73 0.34 11.49
CA GLU C 187 7.27 1.09 12.65
C GLU C 187 5.75 1.08 12.82
N GLU C 188 5.02 0.89 11.73
CA GLU C 188 3.56 0.86 11.76
C GLU C 188 3.01 -0.48 12.23
N GLY C 189 3.87 -1.50 12.29
CA GLY C 189 3.44 -2.80 12.76
C GLY C 189 3.28 -3.89 11.71
N TYR C 190 3.51 -3.56 10.45
CA TYR C 190 3.40 -4.55 9.38
C TYR C 190 4.71 -5.30 9.21
N VAL C 191 4.64 -6.47 8.60
CA VAL C 191 5.85 -7.25 8.35
C VAL C 191 6.71 -6.49 7.34
N ALA C 192 8.02 -6.48 7.60
CA ALA C 192 8.96 -5.83 6.69
C ALA C 192 9.77 -6.94 6.04
N GLU C 193 10.81 -7.42 6.71
CA GLU C 193 11.64 -8.49 6.18
C GLU C 193 12.53 -9.09 7.27
N GLY C 194 13.35 -10.06 6.89
CA GLY C 194 14.26 -10.66 7.86
C GLY C 194 15.46 -9.74 8.04
N SER C 195 16.40 -10.10 8.90
CA SER C 195 17.57 -9.25 9.12
C SER C 195 18.38 -9.09 7.84
N GLY C 196 18.25 -10.05 6.93
CA GLY C 196 18.97 -9.98 5.68
C GLY C 196 18.30 -10.82 4.60
N GLU C 197 16.97 -10.91 4.65
CA GLU C 197 16.22 -11.71 3.69
C GLU C 197 14.85 -11.11 3.42
N ASN C 198 14.38 -11.25 2.18
CA ASN C 198 13.05 -10.78 1.82
C ASN C 198 12.09 -11.93 2.16
N LEU C 199 10.82 -11.59 2.41
CA LEU C 199 9.84 -12.59 2.79
C LEU C 199 8.72 -12.86 1.80
N PHE C 200 8.25 -14.10 1.81
CA PHE C 200 7.16 -14.57 0.95
C PHE C 200 6.29 -15.49 1.80
N PHE C 201 5.04 -15.66 1.39
CA PHE C 201 4.18 -16.63 2.04
C PHE C 201 3.25 -17.20 0.99
N VAL C 202 2.67 -18.36 1.27
CA VAL C 202 1.81 -19.04 0.33
C VAL C 202 0.50 -19.37 1.01
N ARG C 203 -0.61 -19.11 0.33
CA ARG C 203 -1.92 -19.40 0.90
C ARG C 203 -2.87 -19.80 -0.21
N ASP C 204 -3.49 -20.96 -0.03
CA ASP C 204 -4.43 -21.50 -1.01
C ASP C 204 -3.88 -21.53 -2.43
N GLY C 205 -2.64 -21.99 -2.57
CA GLY C 205 -2.02 -22.09 -3.89
C GLY C 205 -1.41 -20.85 -4.49
N VAL C 206 -1.66 -19.69 -3.89
CA VAL C 206 -1.11 -18.43 -4.40
C VAL C 206 0.14 -18.02 -3.64
N ILE C 207 1.15 -17.56 -4.37
CA ILE C 207 2.39 -17.11 -3.75
C ILE C 207 2.30 -15.60 -3.53
N TYR C 208 2.57 -15.17 -2.32
CA TYR C 208 2.53 -13.76 -1.98
C TYR C 208 3.91 -13.21 -1.64
N ALA C 209 4.39 -12.29 -2.48
CA ALA C 209 5.67 -11.65 -2.22
C ALA C 209 5.29 -10.37 -1.49
N LEU C 210 6.10 -9.96 -0.52
CA LEU C 210 5.78 -8.74 0.19
C LEU C 210 6.18 -7.52 -0.63
N GLU C 211 5.42 -6.44 -0.50
CA GLU C 211 5.73 -5.22 -1.23
C GLU C 211 7.10 -4.74 -0.77
N HIS C 212 7.72 -3.85 -1.54
CA HIS C 212 9.04 -3.36 -1.18
C HIS C 212 9.09 -2.55 0.12
N SER C 213 8.01 -1.83 0.42
CA SER C 213 7.94 -0.97 1.61
C SER C 213 9.29 -0.38 1.97
N VAL C 214 9.83 -0.72 3.15
CA VAL C 214 11.13 -0.19 3.58
C VAL C 214 12.26 -1.21 3.41
N ASN C 215 11.95 -2.29 2.70
CA ASN C 215 12.90 -3.38 2.48
C ASN C 215 13.83 -3.17 1.29
N LEU C 216 14.86 -3.99 1.22
CA LEU C 216 15.78 -3.92 0.09
C LEU C 216 15.07 -4.65 -1.06
N GLU C 217 15.26 -4.18 -2.28
CA GLU C 217 14.66 -4.83 -3.45
C GLU C 217 15.58 -5.99 -3.80
N GLY C 218 15.33 -7.14 -3.19
CA GLY C 218 16.18 -8.30 -3.41
C GLY C 218 16.26 -8.85 -4.83
N ILE C 219 17.46 -9.22 -5.22
CA ILE C 219 17.67 -9.81 -6.54
C ILE C 219 17.23 -11.28 -6.49
N THR C 220 17.35 -11.90 -5.31
CA THR C 220 16.90 -13.28 -5.19
C THR C 220 15.37 -13.28 -5.21
N ARG C 221 14.77 -12.29 -4.55
CA ARG C 221 13.32 -12.13 -4.54
C ARG C 221 12.83 -12.02 -5.98
N ASP C 222 13.48 -11.17 -6.76
CA ASP C 222 13.12 -10.97 -8.16
C ASP C 222 13.25 -12.28 -8.95
N SER C 223 14.36 -12.99 -8.72
CA SER C 223 14.63 -14.24 -9.39
C SER C 223 13.56 -15.28 -9.05
N VAL C 224 13.20 -15.36 -7.77
CA VAL C 224 12.19 -16.31 -7.31
C VAL C 224 10.83 -16.03 -7.92
N ILE C 225 10.47 -14.75 -8.04
CA ILE C 225 9.18 -14.39 -8.62
C ILE C 225 9.13 -14.81 -10.08
N ARG C 226 10.21 -14.58 -10.81
CA ARG C 226 10.28 -14.97 -12.22
C ARG C 226 10.17 -16.48 -12.36
N ILE C 227 10.91 -17.20 -11.53
CA ILE C 227 10.89 -18.66 -11.56
C ILE C 227 9.48 -19.17 -11.22
N ALA C 228 8.88 -18.61 -10.19
CA ALA C 228 7.54 -19.03 -9.79
C ALA C 228 6.53 -18.83 -10.91
N LYS C 229 6.58 -17.67 -11.56
CA LYS C 229 5.65 -17.39 -12.66
C LYS C 229 5.90 -18.36 -13.81
N ASP C 230 7.17 -18.62 -14.11
CA ASP C 230 7.51 -19.53 -15.20
C ASP C 230 7.01 -20.94 -14.91
N LEU C 231 6.98 -21.32 -13.64
CA LEU C 231 6.50 -22.65 -13.24
C LEU C 231 4.97 -22.73 -13.24
N GLY C 232 4.31 -21.60 -13.43
CA GLY C 232 2.86 -21.60 -13.47
C GLY C 232 2.13 -21.12 -12.23
N TYR C 233 2.87 -20.66 -11.23
CA TYR C 233 2.25 -20.16 -10.00
C TYR C 233 1.69 -18.76 -10.17
N GLU C 234 0.63 -18.47 -9.44
CA GLU C 234 0.07 -17.13 -9.46
C GLU C 234 0.86 -16.41 -8.36
N VAL C 235 1.35 -15.22 -8.68
CA VAL C 235 2.12 -14.45 -7.71
C VAL C 235 1.49 -13.08 -7.51
N GLN C 236 1.24 -12.73 -6.25
CA GLN C 236 0.68 -11.43 -5.92
C GLN C 236 1.65 -10.72 -4.99
N VAL C 237 1.64 -9.39 -5.02
CA VAL C 237 2.52 -8.60 -4.18
C VAL C 237 1.62 -7.84 -3.20
N VAL C 238 1.83 -8.04 -1.91
CA VAL C 238 0.98 -7.42 -0.90
C VAL C 238 1.71 -6.98 0.35
N ARG C 239 0.99 -6.22 1.17
CA ARG C 239 1.46 -5.77 2.47
C ARG C 239 0.91 -6.89 3.38
N ALA C 240 1.67 -7.30 4.38
CA ALA C 240 1.22 -8.37 5.26
C ALA C 240 1.46 -8.13 6.74
N THR C 241 0.64 -8.78 7.56
CA THR C 241 0.75 -8.70 9.01
C THR C 241 1.32 -10.01 9.51
N ARG C 242 1.80 -10.01 10.75
CA ARG C 242 2.38 -11.21 11.33
C ARG C 242 1.39 -12.37 11.37
N ASP C 243 0.12 -12.07 11.68
CA ASP C 243 -0.85 -13.15 11.73
C ASP C 243 -1.31 -13.65 10.36
N GLN C 244 -0.99 -12.92 9.29
CA GLN C 244 -1.31 -13.44 7.97
C GLN C 244 -0.26 -14.53 7.71
N LEU C 245 0.94 -14.32 8.24
CA LEU C 245 2.01 -15.31 8.08
C LEU C 245 1.71 -16.54 8.94
N TYR C 246 1.24 -16.32 10.17
CA TYR C 246 0.92 -17.42 11.08
C TYR C 246 -0.07 -18.40 10.45
N MET C 247 -1.01 -17.87 9.68
CA MET C 247 -2.04 -18.69 9.06
C MET C 247 -1.75 -19.13 7.62
N ALA C 248 -0.57 -18.79 7.13
CA ALA C 248 -0.21 -19.17 5.77
C ALA C 248 0.07 -20.66 5.66
N ASP C 249 -0.04 -21.21 4.46
CA ASP C 249 0.25 -22.62 4.27
C ASP C 249 1.77 -22.79 4.31
N GLU C 250 2.47 -21.76 3.83
CA GLU C 250 3.93 -21.75 3.81
C GLU C 250 4.47 -20.33 3.92
N VAL C 251 5.69 -20.22 4.41
CA VAL C 251 6.40 -18.96 4.51
C VAL C 251 7.84 -19.30 4.12
N PHE C 252 8.49 -18.41 3.39
CA PHE C 252 9.89 -18.64 3.04
C PHE C 252 10.59 -17.31 2.83
N MET C 253 11.91 -17.33 2.87
CA MET C 253 12.66 -16.10 2.67
C MET C 253 13.73 -16.26 1.61
N THR C 254 14.13 -15.14 1.02
CA THR C 254 15.12 -15.14 -0.04
C THR C 254 16.24 -14.13 0.18
N GLY C 255 17.41 -14.46 -0.37
CA GLY C 255 18.56 -13.59 -0.26
C GLY C 255 19.73 -14.27 -0.94
N THR C 256 20.76 -13.52 -1.30
CA THR C 256 21.90 -14.14 -1.96
C THR C 256 22.53 -15.21 -1.09
N ALA C 257 22.73 -14.88 0.19
CA ALA C 257 23.33 -15.85 1.12
C ALA C 257 22.29 -16.90 1.55
N ALA C 258 21.05 -16.47 1.72
CA ALA C 258 19.98 -17.37 2.16
C ALA C 258 19.35 -18.20 1.05
N GLU C 259 19.65 -17.88 -0.21
CA GLU C 259 19.06 -18.59 -1.34
C GLU C 259 17.55 -18.55 -1.11
N VAL C 260 16.89 -19.70 -1.14
CA VAL C 260 15.46 -19.76 -0.86
C VAL C 260 15.36 -20.65 0.37
N THR C 261 15.01 -20.07 1.52
CA THR C 261 14.93 -20.84 2.76
C THR C 261 13.51 -20.95 3.31
N PRO C 262 13.00 -22.19 3.45
CA PRO C 262 11.65 -22.37 3.99
C PRO C 262 11.61 -21.96 5.46
N VAL C 263 10.46 -21.47 5.90
CA VAL C 263 10.28 -21.07 7.30
C VAL C 263 9.18 -21.98 7.86
N SER C 264 9.54 -22.80 8.84
CA SER C 264 8.60 -23.74 9.42
C SER C 264 7.86 -23.26 10.65
N MET C 265 8.35 -22.21 11.29
CA MET C 265 7.73 -21.72 12.51
C MET C 265 8.06 -20.25 12.74
N ILE C 266 7.09 -19.50 13.26
CA ILE C 266 7.30 -18.09 13.57
C ILE C 266 6.67 -17.86 14.94
N ASP C 267 7.46 -17.27 15.85
CA ASP C 267 6.99 -17.00 17.20
C ASP C 267 6.41 -18.26 17.85
N TRP C 268 7.12 -19.37 17.67
CA TRP C 268 6.74 -20.66 18.24
C TRP C 268 5.40 -21.19 17.77
N ARG C 269 4.90 -20.62 16.67
CA ARG C 269 3.65 -21.06 16.08
C ARG C 269 4.01 -21.74 14.75
N PRO C 270 3.65 -23.02 14.60
CA PRO C 270 3.97 -23.73 13.36
C PRO C 270 3.28 -23.15 12.14
N ILE C 271 4.01 -23.09 11.03
CA ILE C 271 3.45 -22.61 9.77
C ILE C 271 2.98 -23.84 9.01
N GLY C 272 1.68 -23.91 8.74
CA GLY C 272 1.16 -25.06 8.03
C GLY C 272 1.46 -26.34 8.79
N LYS C 273 2.14 -27.28 8.13
CA LYS C 273 2.49 -28.55 8.76
C LYS C 273 3.63 -28.46 9.77
N GLY C 274 4.24 -27.30 9.90
CA GLY C 274 5.33 -27.15 10.85
C GLY C 274 6.66 -27.61 10.31
N THR C 275 6.73 -27.88 9.01
CA THR C 275 7.96 -28.31 8.36
C THR C 275 8.05 -27.61 7.00
N ALA C 276 9.19 -27.76 6.32
CA ALA C 276 9.37 -27.12 5.02
C ALA C 276 8.27 -27.55 4.06
N GLY C 277 7.64 -26.58 3.40
CA GLY C 277 6.56 -26.88 2.47
C GLY C 277 7.00 -27.15 1.05
N PRO C 278 6.11 -27.74 0.22
CA PRO C 278 6.40 -28.07 -1.18
C PRO C 278 6.76 -26.91 -2.10
N VAL C 279 6.08 -25.77 -1.96
CA VAL C 279 6.38 -24.64 -2.83
C VAL C 279 7.77 -24.07 -2.56
N ALA C 280 8.09 -23.84 -1.30
CA ALA C 280 9.40 -23.29 -0.96
C ALA C 280 10.52 -24.24 -1.39
N LEU C 281 10.34 -25.54 -1.16
CA LEU C 281 11.35 -26.51 -1.53
C LEU C 281 11.54 -26.59 -3.05
N ARG C 282 10.45 -26.48 -3.79
CA ARG C 282 10.51 -26.53 -5.24
C ARG C 282 11.20 -25.29 -5.80
N LEU C 283 10.84 -24.12 -5.27
CA LEU C 283 11.47 -22.89 -5.75
C LEU C 283 12.96 -22.91 -5.43
N ARG C 284 13.32 -23.43 -4.26
CA ARG C 284 14.73 -23.51 -3.89
C ARG C 284 15.47 -24.42 -4.86
N GLU C 285 14.91 -25.59 -5.15
CA GLU C 285 15.56 -26.53 -6.05
C GLU C 285 15.69 -25.99 -7.48
N VAL C 286 14.63 -25.36 -8.00
CA VAL C 286 14.71 -24.82 -9.35
C VAL C 286 15.71 -23.66 -9.38
N TYR C 287 15.76 -22.89 -8.29
CA TYR C 287 16.71 -21.79 -8.22
C TYR C 287 18.13 -22.36 -8.27
N LEU C 288 18.37 -23.45 -7.54
CA LEU C 288 19.70 -24.07 -7.54
C LEU C 288 20.04 -24.59 -8.93
N GLU C 289 19.05 -25.09 -9.66
CA GLU C 289 19.28 -25.58 -11.01
C GLU C 289 19.63 -24.42 -11.93
N ALA C 290 18.99 -23.26 -11.69
CA ALA C 290 19.26 -22.09 -12.50
C ALA C 290 20.67 -21.55 -12.30
N VAL C 291 21.08 -21.40 -11.04
CA VAL C 291 22.40 -20.86 -10.75
C VAL C 291 23.55 -21.80 -11.09
N THR C 292 23.26 -23.08 -11.22
CA THR C 292 24.31 -24.04 -11.58
C THR C 292 24.33 -24.35 -13.07
N GLY C 293 23.60 -23.54 -13.83
CA GLY C 293 23.56 -23.69 -15.28
C GLY C 293 22.86 -24.89 -15.88
N ARG C 294 21.82 -25.39 -15.22
CA ARG C 294 21.10 -26.55 -15.73
C ARG C 294 19.83 -26.16 -16.48
N ARG C 295 19.47 -24.89 -16.43
CA ARG C 295 18.28 -24.42 -17.12
C ARG C 295 18.58 -23.33 -18.14
N PRO C 296 18.54 -23.69 -19.43
CA PRO C 296 18.80 -22.78 -20.55
C PRO C 296 18.04 -21.47 -20.47
N GLU C 297 16.80 -21.53 -20.01
CA GLU C 297 15.95 -20.35 -19.91
C GLU C 297 16.54 -19.26 -19.01
N TYR C 298 17.40 -19.64 -18.08
CA TYR C 298 17.99 -18.67 -17.15
C TYR C 298 19.48 -18.42 -17.35
N GLU C 299 20.04 -18.93 -18.44
CA GLU C 299 21.47 -18.73 -18.71
C GLU C 299 21.85 -17.25 -18.78
N GLY C 300 20.90 -16.40 -19.15
CA GLY C 300 21.18 -14.98 -19.23
C GLY C 300 21.61 -14.38 -17.90
N TRP C 301 21.24 -15.04 -16.81
CA TRP C 301 21.58 -14.58 -15.46
C TRP C 301 22.99 -14.97 -15.04
N LEU C 302 23.65 -15.81 -15.82
CA LEU C 302 24.99 -16.28 -15.47
C LEU C 302 26.17 -15.67 -16.22
N THR C 303 27.25 -15.45 -15.50
CA THR C 303 28.49 -14.93 -16.07
C THR C 303 29.56 -15.97 -15.76
N TYR C 304 29.97 -16.72 -16.77
CA TYR C 304 30.98 -17.75 -16.58
C TYR C 304 32.36 -17.09 -16.51
N VAL C 305 33.08 -17.36 -15.43
CA VAL C 305 34.41 -16.78 -15.23
C VAL C 305 35.47 -17.34 -16.17
N ASN C 306 35.32 -18.60 -16.58
CA ASN C 306 36.27 -19.22 -17.48
C ASN C 306 35.81 -19.15 -18.92
N1 PLP D . -14.67 -7.46 10.42
C2 PLP D . -14.49 -7.96 11.68
C2A PLP D . -13.73 -7.11 12.70
C3 PLP D . -14.98 -9.20 11.99
O3 PLP D . -14.82 -9.73 13.25
C4 PLP D . -15.66 -9.95 11.04
C4A PLP D . -16.15 -11.36 11.43
C5 PLP D . -15.83 -9.40 9.75
C6 PLP D . -15.33 -8.16 9.48
C5A PLP D . -16.59 -10.10 8.60
O4P PLP D . -15.97 -11.28 8.17
P PLP D . -16.88 -12.42 7.50
O1P PLP D . -17.98 -12.78 8.43
O2P PLP D . -15.87 -13.60 7.35
O3P PLP D . -17.27 -11.91 6.15
CA 4MV E . -19.49 -11.65 13.07
CB 4MV E . -19.64 -10.28 13.73
CG 4MV E . -18.50 -9.91 14.70
CD1 4MV E . -18.10 -8.46 14.46
CD2 4MV E . -18.98 -10.08 16.14
C 4MV E . -20.49 -11.91 11.96
O 4MV E . -21.26 -12.86 12.12
OXT 4MV E . -20.49 -11.19 10.93
C1 MPD F . -22.29 -18.87 -16.36
C2 MPD F . -22.91 -18.76 -14.97
O2 MPD F . -24.21 -19.34 -15.14
CM MPD F . -22.18 -19.55 -13.94
C3 MPD F . -23.19 -17.28 -14.49
C4 MPD F . -22.19 -16.07 -14.59
O4 MPD F . -22.79 -14.90 -14.07
C5 MPD F . -20.89 -16.22 -13.81
C1 MPD G . -11.93 -17.15 1.73
C2 MPD G . -10.90 -16.69 2.74
O2 MPD G . -11.10 -15.27 2.80
CM MPD G . -11.14 -17.27 4.09
C3 MPD G . -9.40 -16.92 2.30
C4 MPD G . -8.13 -16.13 2.82
O4 MPD G . -6.98 -16.64 2.21
C5 MPD G . -8.09 -14.63 2.51
N1 PLP H . -1.39 17.81 -6.36
C2 PLP H . -2.09 18.75 -5.67
C2A PLP H . -1.84 18.87 -4.16
C3 PLP H . -2.99 19.55 -6.31
O3 PLP H . -3.70 20.51 -5.62
C4 PLP H . -3.20 19.43 -7.68
C4A PLP H . -4.25 20.35 -8.34
C5 PLP H . -2.46 18.45 -8.38
C6 PLP H . -1.58 17.67 -7.71
C5A PLP H . -2.57 18.21 -9.87
O4P PLP H . -3.81 17.63 -10.23
P PLP H . -4.29 17.88 -11.73
O1P PLP H . -4.25 19.33 -12.05
O2P PLP H . -5.79 17.37 -11.66
O3P PLP H . -3.47 17.00 -12.58
CA 4MV I . -3.29 23.64 -9.84
CB 4MV I . -2.12 23.95 -8.90
CG 4MV I . -2.47 23.92 -7.40
CD1 4MV I . -1.38 23.18 -6.65
CD2 4MV I . -2.58 25.34 -6.87
C 4MV I . -2.91 23.47 -11.30
O 4MV I . -2.04 22.61 -11.59
OXT 4MV I . -3.48 24.18 -12.14
C1 MPD J . 0.42 30.54 -11.64
C2 MPD J . -0.86 29.94 -12.22
O2 MPD J . -0.46 28.61 -12.62
CM MPD J . -1.93 29.82 -11.18
C3 MPD J . -1.43 30.60 -13.54
C4 MPD J . -0.64 31.06 -14.83
O4 MPD J . -1.54 31.58 -15.78
C5 MPD J . 0.39 32.18 -14.65
C1 MPD K . -8.53 11.22 -11.85
C2 MPD K . -9.94 11.17 -12.40
O2 MPD K . -10.53 12.41 -11.97
CM MPD K . -9.99 11.13 -13.89
C3 MPD K . -10.93 10.07 -11.80
C4 MPD K . -10.96 9.50 -10.32
O4 MPD K . -11.99 8.55 -10.21
C5 MPD K . -9.72 8.73 -9.85
N1 PLP L . 17.43 -7.70 2.81
C2 PLP L . 18.49 -6.93 3.18
C2A PLP L . 18.31 -5.95 4.34
C3 PLP L . 19.70 -7.06 2.52
O3 PLP L . 20.77 -6.30 2.88
C4 PLP L . 19.84 -7.96 1.47
C4A PLP L . 21.22 -8.01 0.76
C5 PLP L . 18.73 -8.74 1.11
C6 PLP L . 17.55 -8.60 1.78
C5A PLP L . 18.74 -9.78 0.00
O4P PLP L . 18.86 -9.20 -1.28
P PLP L . 19.48 -10.11 -2.45
O1P PLP L . 20.79 -10.64 -2.03
O2P PLP L . 19.64 -9.06 -3.59
O3P PLP L . 18.44 -11.11 -2.80
CA 4MV M . 23.81 -10.37 2.14
CB 4MV M . 23.63 -10.77 3.62
CG 4MV M . 23.29 -9.62 4.58
CD1 4MV M . 22.68 -10.19 5.85
CD2 4MV M . 24.55 -8.83 4.92
C 4MV M . 23.68 -11.53 1.16
O 4MV M . 22.59 -12.14 1.09
OXT 4MV M . 24.67 -11.82 0.46
C1 MPD N . 16.21 -7.35 -10.40
C2 MPD N . 16.12 -6.10 -9.56
O2 MPD N . 15.30 -6.48 -8.44
CM MPD N . 17.45 -5.67 -9.04
C3 MPD N . 15.39 -4.88 -10.25
C4 MPD N . 14.89 -3.57 -9.54
O4 MPD N . 14.31 -2.69 -10.48
C5 MPD N . 13.81 -3.76 -8.48
#